data_8J4C
#
_entry.id   8J4C
#
_cell.length_a   73.980
_cell.length_b   102.440
_cell.length_c   186.520
_cell.angle_alpha   90.000
_cell.angle_beta   90.000
_cell.angle_gamma   90.000
#
_symmetry.space_group_name_H-M   'P 21 2 21'
#
loop_
_entity.id
_entity.type
_entity.pdbx_description
1 polymer 'Spirochaeta thermophila YeeE(TsuA)-YeeD(TsuB),UPF0033 domain-containing protein, SirA-like domain-containing protein (chimera)'
2 non-polymer THIOSULFATE
3 non-polymer '(2R)-2,3-dihydroxypropyl (9Z)-octadec-9-enoate'
#
_entity_poly.entity_id   1
_entity_poly.type   'polypeptide(L)'
_entity_poly.pdbx_seq_one_letter_code
;MIWTGLLVGFLFGIVLQRGRIAFNSAFRDVLLFKDNYLFKLAVFTLALEMILFVLLSQVGLMQMNPKPLNLVGNIIGGFV
FGLGMVLAGGCASGVTYRVGEGLTTAWFAALFYGLGAYATKSGAFSWWLSWVGQFKSPLSVEESAYYVKGAGPTISSVLG
LNPWIPALVIAALFILWAFGTKTTSRETKFNWKIASVCLALVAGLGFITSTLSGRKYGLGITGGWINLFQGFLTNSPLNW
EGLEIVGIILGAGVAAAVAGEFKLRMPKNPVTYLQVGIGGLLMGIGAVTAGGCNIGHFLTGVPQLALSSWLASIFFILGN
WTMAWILFRRAATPTPVAEAAPSSAEDRVLPFQVATGAVALQTAPRVKKAMANYQVSKEIDVRGEVCPIPDVEAKRAVQS
ANDGEIILVRIDYPLSKERIPETVKKLGSEVLEIEEAAPGEWNIYIKVKKGSSGENLYFQ
;
_entity_poly.pdbx_strand_id   B,A
#
# COMPACT_ATOMS: atom_id res chain seq x y z
N MET A 1 -4.37 30.97 -9.02
CA MET A 1 -2.98 30.71 -8.71
C MET A 1 -2.83 29.45 -7.87
N ILE A 2 -3.41 28.37 -8.39
CA ILE A 2 -3.46 27.13 -7.63
C ILE A 2 -2.17 26.34 -7.75
N TRP A 3 -1.47 26.47 -8.87
CA TRP A 3 -0.21 25.75 -9.06
C TRP A 3 0.84 26.16 -8.04
N THR A 4 0.69 27.33 -7.43
CA THR A 4 1.69 27.81 -6.47
C THR A 4 1.82 26.90 -5.26
N GLY A 5 0.80 26.08 -4.98
CA GLY A 5 0.94 25.07 -3.94
C GLY A 5 2.03 24.06 -4.26
N LEU A 6 2.07 23.60 -5.51
CA LEU A 6 3.19 22.79 -5.98
C LEU A 6 4.50 23.54 -5.81
N LEU A 7 4.50 24.83 -6.12
CA LEU A 7 5.71 25.64 -5.98
C LEU A 7 6.13 25.76 -4.52
N VAL A 8 5.19 26.09 -3.63
CA VAL A 8 5.49 26.15 -2.20
C VAL A 8 5.87 24.77 -1.69
N GLY A 9 5.08 23.75 -2.05
CA GLY A 9 5.34 22.40 -1.57
C GLY A 9 6.68 21.85 -2.04
N PHE A 10 7.09 22.22 -3.26
CA PHE A 10 8.40 21.76 -3.74
C PHE A 10 9.52 22.30 -2.87
N LEU A 11 9.46 23.58 -2.51
CA LEU A 11 10.40 24.11 -1.53
C LEU A 11 10.22 23.44 -0.18
N PHE A 12 8.97 23.11 0.18
CA PHE A 12 8.68 22.52 1.48
C PHE A 12 9.41 21.19 1.65
N GLY A 13 9.37 20.33 0.63
CA GLY A 13 10.04 19.05 0.72
C GLY A 13 11.54 19.18 0.86
N ILE A 14 12.14 20.12 0.12
CA ILE A 14 13.59 20.29 0.16
C ILE A 14 14.04 20.78 1.53
N VAL A 15 13.25 21.63 2.18
CA VAL A 15 13.56 22.02 3.55
C VAL A 15 13.41 20.83 4.49
N LEU A 16 12.30 20.09 4.34
CA LEU A 16 12.07 18.93 5.20
C LEU A 16 13.09 17.83 4.95
N GLN A 17 13.48 17.64 3.69
CA GLN A 17 14.48 16.63 3.34
C GLN A 17 15.83 16.94 3.95
N ARG A 18 16.50 18.01 3.49
CA ARG A 18 17.89 18.20 3.90
C ARG A 18 18.01 18.55 5.37
N GLY A 19 16.91 18.97 6.01
CA GLY A 19 16.88 19.31 7.41
C GLY A 19 16.39 18.24 8.35
N ARG A 20 16.06 17.05 7.83
CA ARG A 20 15.64 15.91 8.64
C ARG A 20 14.41 16.23 9.48
N ILE A 21 13.58 17.15 9.03
CA ILE A 21 12.56 17.78 9.87
C ILE A 21 11.40 16.79 10.00
N ALA A 22 11.38 16.01 11.09
CA ALA A 22 10.31 15.07 11.41
C ALA A 22 9.88 15.29 12.85
N PHE A 23 8.61 15.64 13.04
CA PHE A 23 8.14 16.05 14.36
C PHE A 23 7.90 14.87 15.30
N ASN A 24 7.57 13.68 14.76
CA ASN A 24 7.37 12.52 15.63
C ASN A 24 8.67 12.11 16.31
N SER A 25 9.78 12.11 15.56
CA SER A 25 11.07 11.79 16.16
C SER A 25 11.53 12.89 17.11
N ALA A 26 11.13 14.14 16.86
CA ALA A 26 11.49 15.23 17.75
C ALA A 26 10.86 15.03 19.13
N PHE A 27 9.56 14.72 19.17
CA PHE A 27 8.89 14.52 20.45
C PHE A 27 9.40 13.28 21.16
N ARG A 28 9.68 12.21 20.39
CA ARG A 28 10.11 10.95 20.98
C ARG A 28 11.45 11.07 21.69
N ASP A 29 12.40 11.76 21.06
CA ASP A 29 13.78 11.78 21.54
C ASP A 29 14.01 12.74 22.71
N VAL A 30 13.05 13.60 23.03
CA VAL A 30 13.13 14.35 24.28
C VAL A 30 12.64 13.49 25.45
N LEU A 31 11.94 12.40 25.15
CA LEU A 31 11.47 11.45 26.15
C LEU A 31 12.34 10.19 26.22
N LEU A 32 12.75 9.66 25.06
CA LEU A 32 13.60 8.48 25.01
C LEU A 32 15.08 8.81 25.19
N PHE A 33 15.62 9.72 24.38
CA PHE A 33 17.06 9.95 24.33
C PHE A 33 17.46 11.34 24.80
N LYS A 34 16.52 12.10 25.38
CA LYS A 34 16.80 13.44 25.92
C LYS A 34 17.50 14.32 24.88
N ASP A 35 17.07 14.18 23.63
CA ASP A 35 17.72 14.83 22.50
C ASP A 35 16.83 15.97 22.02
N ASN A 36 17.41 17.17 21.94
CA ASN A 36 16.65 18.40 21.70
C ASN A 36 17.01 19.10 20.39
N TYR A 37 17.82 18.47 19.53
CA TYR A 37 18.22 19.10 18.28
C TYR A 37 17.01 19.55 17.48
N LEU A 38 16.01 18.69 17.34
CA LEU A 38 14.84 19.02 16.55
C LEU A 38 13.82 19.86 17.31
N PHE A 39 13.93 19.95 18.64
CA PHE A 39 13.06 20.85 19.38
C PHE A 39 13.46 22.31 19.17
N LYS A 40 14.76 22.61 19.30
CA LYS A 40 15.22 23.96 19.01
C LYS A 40 14.95 24.33 17.56
N LEU A 41 15.03 23.35 16.65
CA LEU A 41 14.63 23.58 15.28
C LEU A 41 13.15 23.94 15.20
N ALA A 42 12.32 23.25 15.99
CA ALA A 42 10.91 23.60 16.08
C ALA A 42 10.72 24.96 16.76
N VAL A 43 11.34 25.15 17.92
CA VAL A 43 11.14 26.37 18.70
C VAL A 43 11.61 27.59 17.92
N PHE A 44 12.74 27.49 17.23
CA PHE A 44 13.23 28.61 16.44
C PHE A 44 12.22 29.00 15.36
N THR A 45 11.75 28.03 14.59
CA THR A 45 10.78 28.31 13.53
C THR A 45 9.51 28.91 14.11
N LEU A 46 9.01 28.33 15.21
CA LEU A 46 7.75 28.80 15.80
C LEU A 46 7.86 30.25 16.24
N ALA A 47 9.00 30.63 16.82
CA ALA A 47 9.24 32.02 17.16
C ALA A 47 9.28 32.90 15.92
N LEU A 48 9.98 32.45 14.88
CA LEU A 48 10.10 33.26 13.66
C LEU A 48 8.76 33.41 12.96
N GLU A 49 7.97 32.34 12.89
CA GLU A 49 6.63 32.46 12.30
C GLU A 49 5.71 33.32 13.14
N MET A 50 5.95 33.39 14.45
CA MET A 50 5.15 34.26 15.31
C MET A 50 5.22 35.71 14.85
N ILE A 51 6.44 36.23 14.70
CA ILE A 51 6.60 37.59 14.21
C ILE A 51 6.22 37.67 12.73
N LEU A 52 6.57 36.64 11.95
CA LEU A 52 6.34 36.68 10.51
C LEU A 52 4.85 36.75 10.19
N PHE A 53 4.05 35.88 10.81
CA PHE A 53 2.63 35.84 10.50
C PHE A 53 1.94 37.17 10.79
N VAL A 54 2.22 37.74 11.97
CA VAL A 54 1.60 39.03 12.30
C VAL A 54 2.17 40.14 11.41
N LEU A 55 3.48 40.11 11.14
CA LEU A 55 4.09 41.16 10.32
C LEU A 55 3.56 41.14 8.90
N LEU A 56 3.44 39.95 8.30
CA LEU A 56 2.91 39.85 6.94
C LEU A 56 1.43 40.23 6.90
N SER A 57 0.68 39.90 7.96
CA SER A 57 -0.73 40.29 8.01
C SER A 57 -0.88 41.79 8.23
N GLN A 58 0.01 42.39 9.02
CA GLN A 58 -0.04 43.82 9.30
C GLN A 58 0.03 44.64 8.02
N VAL A 59 0.92 44.27 7.11
CA VAL A 59 1.14 45.08 5.91
C VAL A 59 0.03 44.85 4.88
N GLY A 60 -0.45 43.62 4.74
CA GLY A 60 -1.43 43.31 3.72
C GLY A 60 -1.03 42.17 2.81
N LEU A 61 -0.24 41.24 3.32
CA LEU A 61 0.10 40.03 2.58
C LEU A 61 -0.74 38.83 2.96
N MET A 62 -1.47 38.90 4.08
CA MET A 62 -2.32 37.79 4.50
C MET A 62 -3.28 38.25 5.59
N GLN A 63 -4.24 37.39 5.89
CA GLN A 63 -5.01 37.42 7.12
C GLN A 63 -4.86 36.08 7.81
N MET A 64 -4.85 36.10 9.14
CA MET A 64 -4.75 34.86 9.91
C MET A 64 -6.15 34.31 10.16
N ASN A 65 -6.27 32.99 10.05
CA ASN A 65 -7.54 32.28 10.24
C ASN A 65 -7.30 31.15 11.25
N PRO A 66 -7.29 31.47 12.54
CA PRO A 66 -7.12 30.44 13.57
C PRO A 66 -8.23 29.41 13.52
N LYS A 67 -7.87 28.16 13.84
CA LYS A 67 -8.82 27.07 13.85
C LYS A 67 -9.78 27.22 15.03
N PRO A 68 -11.07 26.94 14.85
CA PRO A 68 -12.02 27.03 15.96
C PRO A 68 -11.71 26.03 17.07
N LEU A 69 -12.04 26.42 18.30
CA LEU A 69 -11.73 25.59 19.46
C LEU A 69 -12.76 24.47 19.61
N ASN A 70 -12.26 23.25 19.82
CA ASN A 70 -13.11 22.10 20.10
C ASN A 70 -12.37 21.22 21.10
N LEU A 71 -12.78 21.33 22.38
CA LEU A 71 -12.06 20.63 23.44
C LEU A 71 -12.10 19.11 23.24
N VAL A 72 -13.27 18.57 22.93
CA VAL A 72 -13.35 17.15 22.61
C VAL A 72 -12.52 16.82 21.37
N GLY A 73 -12.60 17.68 20.36
CA GLY A 73 -11.83 17.46 19.14
C GLY A 73 -10.33 17.66 19.33
N ASN A 74 -9.92 18.78 19.93
CA ASN A 74 -8.50 19.10 20.05
C ASN A 74 -7.80 18.14 21.01
N ILE A 75 -8.47 17.73 22.09
CA ILE A 75 -7.84 16.83 23.05
C ILE A 75 -7.80 15.41 22.50
N ILE A 76 -8.94 14.89 22.07
CA ILE A 76 -9.05 13.47 21.75
C ILE A 76 -8.42 13.17 20.41
N GLY A 77 -8.75 13.96 19.38
CA GLY A 77 -8.10 13.80 18.09
C GLY A 77 -6.61 14.05 18.16
N GLY A 78 -6.18 14.94 19.05
CA GLY A 78 -4.76 15.14 19.27
C GLY A 78 -4.07 13.89 19.77
N PHE A 79 -4.71 13.18 20.70
CA PHE A 79 -4.10 11.97 21.27
C PHE A 79 -4.09 10.83 20.26
N VAL A 80 -5.19 10.66 19.51
CA VAL A 80 -5.24 9.61 18.49
C VAL A 80 -4.14 9.82 17.46
N PHE A 81 -3.93 11.07 17.04
CA PHE A 81 -2.86 11.37 16.08
C PHE A 81 -1.48 11.10 16.67
N GLY A 82 -1.30 11.38 17.96
CA GLY A 82 -0.01 11.10 18.59
C GLY A 82 0.33 9.62 18.58
N LEU A 83 -0.69 8.77 18.76
CA LEU A 83 -0.45 7.33 18.69
C LEU A 83 -0.03 6.91 17.30
N GLY A 84 -0.66 7.47 16.27
CA GLY A 84 -0.35 7.07 14.91
C GLY A 84 1.07 7.38 14.50
N MET A 85 1.61 8.50 14.99
CA MET A 85 2.99 8.89 14.73
C MET A 85 3.96 7.74 14.95
N VAL A 86 4.05 7.27 16.20
CA VAL A 86 4.99 6.21 16.53
C VAL A 86 4.64 4.92 15.79
N LEU A 87 3.35 4.67 15.57
CA LEU A 87 2.96 3.49 14.80
C LEU A 87 3.28 3.65 13.32
N ALA A 88 3.02 4.83 12.75
CA ALA A 88 3.33 5.07 11.34
C ALA A 88 4.81 5.23 11.07
N GLY A 89 5.64 5.33 12.11
CA GLY A 89 7.06 5.54 11.92
C GLY A 89 7.45 6.94 11.50
N GLY A 90 6.60 7.92 11.75
CA GLY A 90 6.86 9.29 11.36
C GLY A 90 5.58 10.09 11.35
N CYS A 91 5.74 11.41 11.39
CA CYS A 91 4.60 12.30 11.46
C CYS A 91 3.81 12.28 10.16
N ALA A 92 2.70 13.03 10.15
CA ALA A 92 1.85 13.10 8.96
C ALA A 92 2.59 13.71 7.78
N SER A 93 3.29 14.81 8.01
CA SER A 93 4.09 15.42 6.95
C SER A 93 5.35 14.61 6.69
N GLY A 94 5.96 14.07 7.75
CA GLY A 94 7.19 13.30 7.56
C GLY A 94 7.00 12.10 6.65
N VAL A 95 5.88 11.40 6.79
CA VAL A 95 5.61 10.27 5.92
C VAL A 95 5.42 10.74 4.48
N THR A 96 4.75 11.88 4.29
CA THR A 96 4.46 12.36 2.94
C THR A 96 5.72 12.65 2.14
N TYR A 97 6.68 13.37 2.75
CA TYR A 97 7.94 13.60 2.06
C TYR A 97 8.76 12.32 2.01
N ARG A 98 8.51 11.39 2.93
CA ARG A 98 9.19 10.11 2.88
C ARG A 98 8.77 9.28 1.67
N VAL A 99 7.62 9.57 1.07
CA VAL A 99 7.18 8.83 -0.11
C VAL A 99 8.14 9.04 -1.26
N GLY A 100 8.55 10.30 -1.49
CA GLY A 100 9.57 10.61 -2.47
C GLY A 100 10.97 10.19 -2.05
N GLU A 101 11.14 9.70 -0.83
CA GLU A 101 12.43 9.20 -0.36
C GLU A 101 12.65 7.73 -0.70
N GLY A 102 11.66 7.06 -1.30
CA GLY A 102 11.79 5.66 -1.61
C GLY A 102 11.46 4.71 -0.47
N LEU A 103 10.64 5.13 0.48
CA LEU A 103 10.28 4.29 1.62
C LEU A 103 8.98 3.59 1.29
N THR A 104 9.06 2.29 1.00
CA THR A 104 7.85 1.50 0.75
C THR A 104 6.90 1.58 1.93
N THR A 105 7.44 1.58 3.14
CA THR A 105 6.61 1.74 4.33
C THR A 105 5.94 3.11 4.35
N ALA A 106 6.58 4.13 3.77
CA ALA A 106 5.95 5.44 3.68
C ALA A 106 4.85 5.47 2.62
N TRP A 107 5.02 4.70 1.54
CA TRP A 107 3.92 4.53 0.60
C TRP A 107 2.74 3.86 1.28
N PHE A 108 3.01 2.77 2.00
CA PHE A 108 1.97 2.06 2.72
C PHE A 108 1.34 2.93 3.80
N ALA A 109 2.17 3.66 4.56
CA ALA A 109 1.65 4.53 5.61
C ALA A 109 0.80 5.65 5.02
N ALA A 110 1.24 6.24 3.91
CA ALA A 110 0.48 7.35 3.31
C ALA A 110 -0.83 6.86 2.71
N LEU A 111 -0.84 5.64 2.17
CA LEU A 111 -2.03 5.14 1.49
C LEU A 111 -3.22 5.04 2.45
N PHE A 112 -3.00 4.51 3.66
CA PHE A 112 -4.07 4.40 4.63
C PHE A 112 -4.41 5.74 5.28
N TYR A 113 -3.40 6.61 5.46
CA TYR A 113 -3.61 7.89 6.12
C TYR A 113 -4.64 8.73 5.36
N GLY A 114 -4.51 8.81 4.04
CA GLY A 114 -5.50 9.51 3.25
C GLY A 114 -6.84 8.81 3.23
N LEU A 115 -6.84 7.47 3.18
CA LEU A 115 -8.09 6.72 3.14
C LEU A 115 -8.85 6.86 4.46
N GLY A 116 -8.16 6.65 5.59
CA GLY A 116 -8.82 6.80 6.87
C GLY A 116 -9.29 8.22 7.12
N ALA A 117 -8.47 9.21 6.74
CA ALA A 117 -8.88 10.60 6.84
C ALA A 117 -10.12 10.86 5.98
N TYR A 118 -10.14 10.29 4.78
CA TYR A 118 -11.34 10.37 3.96
C TYR A 118 -12.52 9.67 4.65
N ALA A 119 -12.28 8.50 5.22
CA ALA A 119 -13.33 7.78 5.93
C ALA A 119 -13.77 8.51 7.18
N THR A 120 -12.82 9.10 7.91
CA THR A 120 -13.19 9.89 9.09
C THR A 120 -13.97 11.12 8.69
N LYS A 121 -13.61 11.74 7.57
CA LYS A 121 -14.24 13.00 7.16
C LYS A 121 -15.63 12.75 6.58
N SER A 122 -15.72 11.90 5.55
CA SER A 122 -16.98 11.65 4.88
C SER A 122 -17.37 10.18 4.81
N GLY A 123 -16.46 9.25 5.07
CA GLY A 123 -16.74 7.84 4.92
C GLY A 123 -17.42 7.25 6.13
N ALA A 124 -17.24 5.94 6.30
CA ALA A 124 -17.96 5.16 7.30
C ALA A 124 -17.70 5.62 8.74
N PHE A 125 -16.70 6.48 8.95
CA PHE A 125 -16.41 7.00 10.28
C PHE A 125 -17.04 8.37 10.52
N SER A 126 -17.88 8.85 9.60
CA SER A 126 -18.47 10.17 9.71
C SER A 126 -19.40 10.31 10.91
N TRP A 127 -19.82 9.21 11.54
CA TRP A 127 -20.60 9.33 12.77
C TRP A 127 -19.73 9.86 13.91
N TRP A 128 -18.49 9.38 14.01
CA TRP A 128 -17.60 9.80 15.09
C TRP A 128 -17.17 11.25 14.92
N LEU A 129 -17.05 11.74 13.69
CA LEU A 129 -16.71 13.14 13.50
C LEU A 129 -17.91 14.03 13.75
N SER A 130 -19.11 13.58 13.38
CA SER A 130 -20.29 14.42 13.56
C SER A 130 -20.71 14.50 15.02
N TRP A 131 -20.44 13.45 15.81
CA TRP A 131 -20.71 13.51 17.24
C TRP A 131 -19.81 14.52 17.94
N VAL A 132 -18.53 14.56 17.59
CA VAL A 132 -17.58 15.48 18.19
C VAL A 132 -17.93 16.93 17.85
N GLY A 133 -18.68 17.14 16.76
CA GLY A 133 -19.02 18.49 16.33
C GLY A 133 -20.01 19.20 17.23
N GLN A 134 -20.57 18.53 18.23
CA GLN A 134 -21.47 19.17 19.19
C GLN A 134 -20.71 19.83 20.33
N PHE A 135 -19.38 19.88 20.27
CA PHE A 135 -18.54 20.51 21.27
C PHE A 135 -17.77 21.68 20.69
N LYS A 136 -18.31 22.32 19.67
CA LYS A 136 -17.65 23.42 18.99
C LYS A 136 -17.79 24.68 19.83
N SER A 137 -16.67 25.20 20.32
CA SER A 137 -16.71 26.41 21.14
C SER A 137 -17.06 27.59 20.24
N PRO A 138 -18.16 28.30 20.51
CA PRO A 138 -18.59 29.37 19.59
C PRO A 138 -17.76 30.64 19.68
N LEU A 139 -16.79 30.69 20.60
CA LEU A 139 -15.98 31.89 20.78
C LEU A 139 -15.23 32.20 19.49
N SER A 140 -15.23 33.48 19.12
CA SER A 140 -14.64 33.88 17.85
C SER A 140 -13.98 35.24 17.99
N VAL A 141 -13.04 35.50 17.07
CA VAL A 141 -12.47 36.84 16.88
C VAL A 141 -13.40 37.58 15.93
N GLU A 142 -12.95 38.74 15.44
CA GLU A 142 -13.74 39.52 14.49
C GLU A 142 -12.84 39.98 13.35
N GLU A 143 -13.44 40.25 12.20
CA GLU A 143 -12.70 40.62 11.01
C GLU A 143 -11.82 41.84 11.27
N SER A 144 -10.58 41.78 10.80
CA SER A 144 -9.62 42.86 10.94
C SER A 144 -8.55 42.66 9.87
N ALA A 145 -7.49 43.45 9.96
CA ALA A 145 -6.29 43.17 9.18
C ALA A 145 -5.50 42.00 9.75
N TYR A 146 -5.87 41.51 10.91
CA TYR A 146 -5.21 40.39 11.57
C TYR A 146 -5.97 39.07 11.41
N TYR A 147 -7.29 39.09 11.49
CA TYR A 147 -8.08 37.88 11.59
C TYR A 147 -9.21 37.87 10.58
N VAL A 148 -9.45 36.69 9.99
CA VAL A 148 -10.58 36.51 9.10
C VAL A 148 -11.86 36.48 9.93
N LYS A 149 -12.97 36.89 9.32
CA LYS A 149 -14.24 36.97 10.04
C LYS A 149 -14.65 35.63 10.61
N GLY A 150 -15.00 35.62 11.89
CA GLY A 150 -15.54 34.43 12.52
C GLY A 150 -14.54 33.33 12.79
N ALA A 151 -13.26 33.66 12.87
CA ALA A 151 -12.22 32.65 13.09
C ALA A 151 -12.26 32.19 14.56
N GLY A 152 -11.27 31.41 14.96
CA GLY A 152 -11.25 30.83 16.28
C GLY A 152 -10.76 31.78 17.35
N PRO A 153 -10.34 31.23 18.50
CA PRO A 153 -9.77 32.07 19.55
C PRO A 153 -8.25 32.10 19.52
N THR A 154 -7.65 33.07 20.19
CA THR A 154 -6.20 33.20 20.30
C THR A 154 -5.84 33.66 21.70
N ILE A 155 -4.53 33.61 22.00
CA ILE A 155 -4.03 34.23 23.23
C ILE A 155 -4.38 35.70 23.25
N SER A 156 -4.25 36.37 22.09
CA SER A 156 -4.51 37.80 22.01
C SER A 156 -5.99 38.13 22.24
N SER A 157 -6.88 37.43 21.54
CA SER A 157 -8.31 37.78 21.59
C SER A 157 -8.87 37.63 22.99
N VAL A 158 -8.44 36.60 23.72
CA VAL A 158 -8.87 36.42 25.10
C VAL A 158 -8.40 37.58 25.96
N LEU A 159 -7.14 37.99 25.78
CA LEU A 159 -6.50 38.99 26.64
C LEU A 159 -6.87 40.42 26.28
N GLY A 160 -7.53 40.65 25.15
CA GLY A 160 -7.81 41.99 24.70
C GLY A 160 -6.62 42.76 24.15
N LEU A 161 -5.46 42.13 24.10
CA LEU A 161 -4.24 42.76 23.62
C LEU A 161 -4.17 42.71 22.10
N ASN A 162 -3.38 43.61 21.53
CA ASN A 162 -3.14 43.58 20.09
C ASN A 162 -2.18 42.43 19.77
N PRO A 163 -2.42 41.69 18.68
CA PRO A 163 -1.67 40.44 18.44
C PRO A 163 -0.16 40.60 18.43
N TRP A 164 0.34 41.81 18.14
CA TRP A 164 1.78 42.03 18.16
C TRP A 164 2.38 41.71 19.51
N ILE A 165 1.65 42.01 20.59
CA ILE A 165 2.22 42.05 21.93
C ILE A 165 2.63 40.65 22.42
N PRO A 166 1.73 39.65 22.42
CA PRO A 166 2.21 38.29 22.76
C PRO A 166 3.15 37.73 21.72
N ALA A 167 2.99 38.09 20.45
CA ALA A 167 3.87 37.56 19.41
C ALA A 167 5.31 38.00 19.62
N LEU A 168 5.52 39.29 19.91
CA LEU A 168 6.88 39.77 20.17
C LEU A 168 7.45 39.17 21.44
N VAL A 169 6.62 39.01 22.47
CA VAL A 169 7.10 38.47 23.75
C VAL A 169 7.50 37.02 23.61
N ILE A 170 6.58 36.18 23.14
CA ILE A 170 6.80 34.73 23.10
C ILE A 170 7.95 34.39 22.16
N ALA A 171 7.99 35.02 20.98
CA ALA A 171 9.07 34.71 20.04
C ALA A 171 10.42 35.05 20.61
N ALA A 172 10.52 36.20 21.30
CA ALA A 172 11.78 36.59 21.93
C ALA A 172 12.20 35.59 23.00
N LEU A 173 11.25 35.16 23.83
CA LEU A 173 11.56 34.15 24.85
C LEU A 173 12.07 32.87 24.21
N PHE A 174 11.39 32.41 23.15
CA PHE A 174 11.82 31.22 22.43
C PHE A 174 13.22 31.41 21.86
N ILE A 175 13.47 32.57 21.25
CA ILE A 175 14.80 32.87 20.72
C ILE A 175 15.84 32.89 21.84
N LEU A 176 15.46 33.41 23.01
CA LEU A 176 16.33 33.31 24.17
C LEU A 176 16.61 31.86 24.56
N TRP A 177 15.54 31.06 24.70
CA TRP A 177 15.72 29.70 25.18
C TRP A 177 16.53 28.86 24.21
N ALA A 178 16.20 28.94 22.91
CA ALA A 178 16.91 28.13 21.93
C ALA A 178 18.37 28.57 21.80
N PHE A 179 18.63 29.87 21.84
CA PHE A 179 19.99 30.39 21.73
C PHE A 179 20.77 30.29 23.05
N GLY A 180 20.09 30.28 24.18
CA GLY A 180 20.72 30.20 25.48
C GLY A 180 20.84 28.81 26.09
N THR A 181 20.31 27.78 25.44
CA THR A 181 20.33 26.42 25.98
C THR A 181 21.36 25.58 25.24
N LYS A 182 21.93 24.61 25.95
CA LYS A 182 22.79 23.62 25.31
C LYS A 182 22.00 22.79 24.31
N THR A 183 22.64 22.44 23.21
CA THR A 183 22.03 21.65 22.14
C THR A 183 22.78 20.35 21.93
N THR A 184 22.04 19.25 21.79
CA THR A 184 22.63 18.01 21.33
C THR A 184 23.01 18.16 19.86
N SER A 185 24.27 17.90 19.53
CA SER A 185 24.82 18.24 18.23
C SER A 185 24.80 17.05 17.30
N ARG A 186 24.58 17.32 16.02
CA ARG A 186 24.65 16.31 14.97
C ARG A 186 25.73 16.70 13.95
N GLU A 187 25.56 16.26 12.71
CA GLU A 187 26.47 16.64 11.64
C GLU A 187 25.69 16.90 10.35
N THR A 188 24.54 17.56 10.47
CA THR A 188 23.76 17.98 9.31
C THR A 188 24.24 19.35 8.86
N LYS A 189 24.63 19.46 7.59
CA LYS A 189 25.12 20.74 7.07
C LYS A 189 24.02 21.80 7.12
N PHE A 190 22.80 21.41 6.76
CA PHE A 190 21.63 22.29 6.87
C PHE A 190 21.24 22.33 8.35
N ASN A 191 22.03 23.08 9.13
CA ASN A 191 21.88 23.07 10.58
C ASN A 191 20.60 23.79 11.01
N TRP A 192 20.19 23.55 12.25
CA TRP A 192 18.86 23.95 12.72
C TRP A 192 18.66 25.46 12.70
N LYS A 193 19.74 26.25 12.74
CA LYS A 193 19.59 27.69 12.73
C LYS A 193 19.09 28.18 11.37
N ILE A 194 19.88 27.95 10.32
CA ILE A 194 19.50 28.41 8.98
C ILE A 194 18.25 27.69 8.51
N ALA A 195 18.10 26.41 8.88
CA ALA A 195 16.97 25.61 8.42
C ALA A 195 15.64 26.16 8.91
N SER A 196 15.60 26.71 10.13
CA SER A 196 14.37 27.31 10.63
C SER A 196 14.02 28.58 9.86
N VAL A 197 15.02 29.33 9.40
CA VAL A 197 14.76 30.52 8.59
C VAL A 197 14.05 30.14 7.30
N CYS A 198 14.55 29.12 6.61
CA CYS A 198 13.89 28.67 5.38
C CYS A 198 12.50 28.15 5.65
N LEU A 199 12.34 27.38 6.73
CA LEU A 199 11.04 26.77 7.02
C LEU A 199 9.98 27.84 7.30
N ALA A 200 10.34 28.89 8.06
CA ALA A 200 9.41 29.97 8.30
C ALA A 200 9.13 30.77 7.04
N LEU A 201 10.16 30.98 6.22
CA LEU A 201 10.00 31.74 4.99
C LEU A 201 9.03 31.05 4.04
N VAL A 202 9.17 29.74 3.88
CA VAL A 202 8.25 28.99 3.02
C VAL A 202 6.85 29.02 3.59
N ALA A 203 6.73 28.98 4.92
CA ALA A 203 5.42 29.11 5.55
C ALA A 203 4.79 30.46 5.23
N GLY A 204 5.58 31.53 5.31
CA GLY A 204 5.09 32.83 4.88
C GLY A 204 4.79 32.85 3.39
N LEU A 205 5.64 32.21 2.59
CA LEU A 205 5.31 32.01 1.18
C LEU A 205 4.04 31.17 1.03
N GLY A 206 3.84 30.21 1.93
CA GLY A 206 2.64 29.41 1.88
C GLY A 206 1.37 30.19 2.18
N PHE A 207 1.42 31.03 3.21
CA PHE A 207 0.22 31.76 3.62
C PHE A 207 -0.23 32.76 2.55
N ILE A 208 0.70 33.58 2.06
CA ILE A 208 0.33 34.61 1.10
C ILE A 208 -0.21 33.98 -0.18
N THR A 209 0.49 32.97 -0.69
CA THR A 209 0.12 32.38 -1.97
C THR A 209 -1.15 31.55 -1.86
N SER A 210 -1.30 30.78 -0.79
CA SER A 210 -2.51 29.97 -0.64
C SER A 210 -3.74 30.85 -0.48
N THR A 211 -3.60 31.98 0.20
CA THR A 211 -4.73 32.90 0.35
C THR A 211 -5.17 33.47 -1.00
N LEU A 212 -4.24 33.58 -1.95
CA LEU A 212 -4.61 34.09 -3.28
C LEU A 212 -5.55 33.14 -4.00
N SER A 213 -5.32 31.82 -3.89
CA SER A 213 -6.21 30.86 -4.53
C SER A 213 -7.59 30.84 -3.87
N GLY A 214 -7.66 31.19 -2.58
CA GLY A 214 -8.91 31.14 -1.85
C GLY A 214 -8.81 30.41 -0.53
N ARG A 215 -7.70 29.70 -0.33
CA ARG A 215 -7.46 28.92 0.87
C ARG A 215 -6.71 29.78 1.87
N LYS A 216 -7.41 30.26 2.91
CA LYS A 216 -6.84 31.20 3.86
C LYS A 216 -6.12 30.48 5.00
N TYR A 217 -5.08 29.74 4.64
CA TYR A 217 -4.26 29.07 5.64
C TYR A 217 -2.90 28.76 5.07
N GLY A 218 -1.95 28.49 5.98
CA GLY A 218 -0.60 28.13 5.60
C GLY A 218 -0.46 26.68 5.21
N LEU A 219 0.63 26.05 5.67
CA LEU A 219 0.92 24.68 5.26
C LEU A 219 -0.03 23.70 5.93
N GLY A 220 -0.52 22.74 5.14
CA GLY A 220 -1.35 21.68 5.65
C GLY A 220 -1.02 20.38 4.96
N ILE A 221 -1.36 19.28 5.63
CA ILE A 221 -1.06 17.93 5.17
C ILE A 221 -2.32 17.09 4.98
N THR A 222 -3.21 17.10 5.98
CA THR A 222 -4.41 16.30 5.88
C THR A 222 -5.36 16.84 4.81
N GLY A 223 -5.52 18.16 4.75
CA GLY A 223 -6.45 18.74 3.79
C GLY A 223 -6.05 18.47 2.35
N GLY A 224 -4.75 18.44 2.08
CA GLY A 224 -4.29 18.14 0.74
C GLY A 224 -4.52 16.69 0.34
N TRP A 225 -4.18 15.75 1.23
CA TRP A 225 -4.34 14.34 0.90
C TRP A 225 -5.79 13.99 0.63
N ILE A 226 -6.70 14.48 1.48
CA ILE A 226 -8.12 14.24 1.27
C ILE A 226 -8.56 14.81 -0.06
N ASN A 227 -8.03 15.98 -0.42
CA ASN A 227 -8.39 16.58 -1.71
C ASN A 227 -7.79 15.79 -2.87
N LEU A 228 -6.62 15.18 -2.69
CA LEU A 228 -6.05 14.33 -3.73
C LEU A 228 -6.90 13.09 -3.96
N PHE A 229 -7.23 12.37 -2.89
CA PHE A 229 -8.01 11.14 -3.04
C PHE A 229 -9.38 11.44 -3.65
N GLN A 230 -10.02 12.53 -3.20
CA GLN A 230 -11.29 12.92 -3.78
C GLN A 230 -11.17 13.15 -5.27
N GLY A 231 -10.20 13.96 -5.68
CA GLY A 231 -10.03 14.26 -7.10
C GLY A 231 -9.79 13.03 -7.95
N PHE A 232 -9.02 12.08 -7.42
CA PHE A 232 -8.76 10.85 -8.17
C PHE A 232 -9.95 9.92 -8.16
N LEU A 233 -10.79 9.99 -7.11
CA LEU A 233 -11.87 9.02 -6.94
C LEU A 233 -13.25 9.59 -7.24
N THR A 234 -13.43 10.91 -7.21
CA THR A 234 -14.70 11.49 -7.66
C THR A 234 -14.48 12.60 -8.69
N ASN A 235 -13.29 12.65 -9.29
CA ASN A 235 -12.97 13.61 -10.34
C ASN A 235 -13.23 15.05 -9.89
N SER A 236 -12.89 15.35 -8.61
CA SER A 236 -13.02 16.73 -8.15
C SER A 236 -11.75 17.50 -8.49
N PRO A 237 -11.87 18.80 -8.74
CA PRO A 237 -10.68 19.59 -9.09
C PRO A 237 -9.68 19.64 -7.94
N LEU A 238 -8.40 19.51 -8.30
CA LEU A 238 -7.34 19.65 -7.31
C LEU A 238 -7.18 21.10 -6.90
N ASN A 239 -6.80 21.30 -5.64
CA ASN A 239 -6.61 22.65 -5.13
C ASN A 239 -5.18 22.84 -4.62
N TRP A 240 -4.99 23.93 -3.87
CA TRP A 240 -3.65 24.34 -3.45
C TRP A 240 -3.01 23.31 -2.52
N GLU A 241 -3.77 22.79 -1.55
CA GLU A 241 -3.16 21.89 -0.57
C GLU A 241 -2.77 20.56 -1.20
N GLY A 242 -3.65 20.00 -2.04
CA GLY A 242 -3.30 18.76 -2.72
C GLY A 242 -2.09 18.95 -3.60
N LEU A 243 -2.04 20.08 -4.32
CA LEU A 243 -0.85 20.40 -5.11
C LEU A 243 0.36 20.61 -4.21
N GLU A 244 0.16 21.17 -3.02
CA GLU A 244 1.25 21.29 -2.06
C GLU A 244 1.76 19.91 -1.66
N ILE A 245 0.84 18.96 -1.43
CA ILE A 245 1.24 17.59 -1.15
C ILE A 245 2.09 17.04 -2.28
N VAL A 246 1.69 17.30 -3.52
CA VAL A 246 2.45 16.81 -4.67
C VAL A 246 3.85 17.42 -4.69
N GLY A 247 3.93 18.74 -4.46
CA GLY A 247 5.23 19.40 -4.42
C GLY A 247 6.14 18.86 -3.33
N ILE A 248 5.55 18.49 -2.19
CA ILE A 248 6.33 17.90 -1.11
C ILE A 248 6.96 16.59 -1.56
N ILE A 249 6.17 15.72 -2.18
CA ILE A 249 6.68 14.40 -2.59
C ILE A 249 7.77 14.57 -3.63
N LEU A 250 7.55 15.47 -4.60
CA LEU A 250 8.62 15.80 -5.54
C LEU A 250 9.80 16.46 -4.82
N GLY A 251 9.51 17.37 -3.89
CA GLY A 251 10.59 18.15 -3.29
C GLY A 251 11.56 17.30 -2.51
N ALA A 252 11.05 16.36 -1.70
CA ALA A 252 11.92 15.47 -0.96
C ALA A 252 12.67 14.51 -1.89
N GLY A 253 12.04 14.10 -2.99
CA GLY A 253 12.72 13.22 -3.92
C GLY A 253 13.89 13.88 -4.63
N VAL A 254 13.73 15.15 -5.02
CA VAL A 254 14.76 15.83 -5.80
C VAL A 254 16.05 15.93 -5.00
N ALA A 255 15.96 16.41 -3.75
CA ALA A 255 17.16 16.60 -2.94
C ALA A 255 17.74 15.26 -2.50
N ALA A 256 16.89 14.28 -2.20
CA ALA A 256 17.38 12.96 -1.80
C ALA A 256 18.22 12.33 -2.90
N ALA A 257 17.86 12.56 -4.16
CA ALA A 257 18.64 12.04 -5.27
C ALA A 257 19.88 12.88 -5.54
N VAL A 258 19.77 14.20 -5.42
CA VAL A 258 20.92 15.07 -5.66
C VAL A 258 22.02 14.79 -4.65
N ALA A 259 21.65 14.69 -3.37
CA ALA A 259 22.62 14.32 -2.35
C ALA A 259 23.07 12.88 -2.47
N GLY A 260 22.40 12.06 -3.28
CA GLY A 260 22.73 10.66 -3.38
C GLY A 260 22.13 9.80 -2.31
N GLU A 261 21.10 10.30 -1.62
CA GLU A 261 20.51 9.63 -0.47
C GLU A 261 19.33 8.74 -0.85
N PHE A 262 18.93 8.72 -2.12
CA PHE A 262 17.71 8.05 -2.52
C PHE A 262 17.93 6.54 -2.63
N LYS A 263 16.98 5.77 -2.10
CA LYS A 263 16.97 4.33 -2.29
C LYS A 263 15.58 3.78 -2.01
N LEU A 264 15.13 2.87 -2.84
CA LEU A 264 13.93 2.09 -2.57
C LEU A 264 14.25 1.13 -1.42
N ARG A 265 13.61 1.34 -0.28
CA ARG A 265 14.01 0.68 0.96
C ARG A 265 12.86 -0.15 1.52
N MET A 266 13.20 -1.33 2.00
CA MET A 266 12.31 -2.27 2.66
C MET A 266 12.63 -2.37 4.14
N PRO A 267 11.65 -2.61 4.98
CA PRO A 267 11.94 -2.89 6.40
C PRO A 267 12.61 -4.24 6.57
N LYS A 268 13.18 -4.44 7.76
CA LYS A 268 13.88 -5.70 8.02
C LYS A 268 12.91 -6.86 8.13
N ASN A 269 11.78 -6.66 8.81
CA ASN A 269 10.82 -7.74 8.94
C ASN A 269 9.50 -7.37 8.26
N PRO A 270 8.89 -8.32 7.54
CA PRO A 270 7.68 -7.98 6.76
C PRO A 270 6.52 -7.52 7.60
N VAL A 271 6.50 -7.85 8.90
CA VAL A 271 5.40 -7.45 9.76
C VAL A 271 5.30 -5.93 9.88
N THR A 272 6.37 -5.21 9.56
CA THR A 272 6.37 -3.76 9.70
C THR A 272 5.37 -3.09 8.78
N TYR A 273 5.04 -3.71 7.63
CA TYR A 273 4.02 -3.15 6.76
C TYR A 273 2.66 -3.12 7.46
N LEU A 274 2.34 -4.17 8.22
CA LEU A 274 1.09 -4.19 8.95
C LEU A 274 1.07 -3.09 10.01
N GLN A 275 2.22 -2.85 10.65
CA GLN A 275 2.29 -1.81 11.67
C GLN A 275 2.10 -0.42 11.07
N VAL A 276 2.86 -0.11 10.03
CA VAL A 276 2.85 1.25 9.49
C VAL A 276 1.54 1.56 8.77
N GLY A 277 0.83 0.54 8.28
CA GLY A 277 -0.50 0.77 7.75
C GLY A 277 -1.46 1.23 8.83
N ILE A 278 -1.40 0.59 10.00
CA ILE A 278 -2.24 1.00 11.13
C ILE A 278 -1.83 2.39 11.60
N GLY A 279 -0.54 2.70 11.58
CA GLY A 279 -0.07 3.96 12.09
C GLY A 279 -0.67 5.15 11.36
N GLY A 280 -0.62 5.11 10.02
CA GLY A 280 -1.30 6.13 9.24
C GLY A 280 -2.81 6.07 9.39
N LEU A 281 -3.34 4.86 9.56
CA LEU A 281 -4.78 4.71 9.75
C LEU A 281 -5.25 5.48 10.98
N LEU A 282 -4.51 5.39 12.08
CA LEU A 282 -4.83 6.19 13.25
C LEU A 282 -4.67 7.68 12.97
N MET A 283 -3.62 8.05 12.23
CA MET A 283 -3.33 9.45 11.97
C MET A 283 -4.46 10.12 11.20
N GLY A 284 -5.03 9.42 10.23
CA GLY A 284 -6.19 9.97 9.52
C GLY A 284 -7.33 10.28 10.46
N ILE A 285 -7.59 9.39 11.43
CA ILE A 285 -8.64 9.63 12.39
C ILE A 285 -8.29 10.83 13.27
N GLY A 286 -7.08 10.83 13.83
CA GLY A 286 -6.70 11.87 14.78
C GLY A 286 -6.55 13.23 14.13
N ALA A 287 -5.91 13.29 12.95
CA ALA A 287 -5.69 14.57 12.29
C ALA A 287 -7.00 15.22 11.89
N VAL A 288 -7.91 14.44 11.30
CA VAL A 288 -9.23 14.96 10.94
C VAL A 288 -10.00 15.39 12.18
N THR A 289 -9.93 14.59 13.24
CA THR A 289 -10.67 14.91 14.46
C THR A 289 -10.14 16.20 15.10
N ALA A 290 -8.82 16.38 15.14
CA ALA A 290 -8.25 17.57 15.74
C ALA A 290 -8.33 18.80 14.84
N GLY A 291 -8.59 18.61 13.55
CA GLY A 291 -8.62 19.70 12.61
C GLY A 291 -7.30 20.02 11.94
N GLY A 292 -6.27 19.22 12.18
CA GLY A 292 -4.96 19.43 11.61
C GLY A 292 -3.94 18.57 12.32
N CYS A 293 -2.79 18.39 11.68
CA CYS A 293 -1.79 17.46 12.17
C CYS A 293 -0.62 18.23 12.78
N ASN A 294 0.58 17.66 12.71
CA ASN A 294 1.80 18.28 13.22
C ASN A 294 2.22 19.50 12.40
N ILE A 295 1.57 19.77 11.28
CA ILE A 295 1.79 20.97 10.49
C ILE A 295 0.59 21.89 10.52
N GLY A 296 -0.61 21.35 10.29
CA GLY A 296 -1.79 22.18 10.21
C GLY A 296 -2.17 22.80 11.55
N HIS A 297 -1.77 22.17 12.65
CA HIS A 297 -2.01 22.69 13.99
C HIS A 297 -0.73 23.17 14.66
N PHE A 298 0.36 22.40 14.57
CA PHE A 298 1.58 22.74 15.28
C PHE A 298 2.39 23.80 14.54
N LEU A 299 3.02 23.42 13.43
CA LEU A 299 3.94 24.34 12.75
C LEU A 299 3.24 25.61 12.31
N THR A 300 2.02 25.51 11.79
CA THR A 300 1.33 26.65 11.23
C THR A 300 0.29 27.27 12.17
N GLY A 301 -0.19 26.52 13.15
CA GLY A 301 -1.19 27.03 14.06
C GLY A 301 -0.64 27.58 15.36
N VAL A 302 0.41 26.96 15.89
CA VAL A 302 1.03 27.43 17.14
C VAL A 302 1.55 28.87 17.01
N PRO A 303 2.37 29.21 15.99
CA PRO A 303 2.82 30.60 15.87
C PRO A 303 1.69 31.58 15.63
N GLN A 304 0.54 31.11 15.14
CA GLN A 304 -0.64 31.94 15.07
C GLN A 304 -1.24 32.21 16.45
N LEU A 305 -0.72 31.56 17.49
CA LEU A 305 -1.10 31.81 18.87
C LEU A 305 -2.58 31.51 19.10
N ALA A 306 -3.10 30.48 18.42
CA ALA A 306 -4.50 30.11 18.47
C ALA A 306 -4.72 29.03 19.50
N LEU A 307 -5.74 29.19 20.35
CA LEU A 307 -5.98 28.25 21.45
C LEU A 307 -6.21 26.85 20.94
N SER A 308 -7.04 26.69 19.89
CA SER A 308 -7.35 25.35 19.39
C SER A 308 -6.11 24.63 18.92
N SER A 309 -5.24 25.33 18.18
CA SER A 309 -3.97 24.71 17.78
C SER A 309 -3.07 24.46 18.98
N TRP A 310 -3.05 25.39 19.93
CA TRP A 310 -2.23 25.21 21.13
C TRP A 310 -2.71 24.02 21.96
N LEU A 311 -4.03 23.87 22.12
CA LEU A 311 -4.56 22.76 22.90
C LEU A 311 -4.35 21.43 22.17
N ALA A 312 -4.66 21.40 20.88
CA ALA A 312 -4.51 20.16 20.10
C ALA A 312 -3.04 19.74 20.03
N SER A 313 -2.13 20.71 19.94
CA SER A 313 -0.70 20.39 19.89
C SER A 313 -0.25 19.61 21.11
N ILE A 314 -0.87 19.84 22.27
CA ILE A 314 -0.41 19.21 23.52
C ILE A 314 -0.50 17.69 23.41
N PHE A 315 -1.66 17.19 23.01
CA PHE A 315 -1.90 15.75 23.00
C PHE A 315 -1.26 15.05 21.81
N PHE A 316 -0.76 15.80 20.82
CA PHE A 316 0.14 15.20 19.83
C PHE A 316 1.35 14.57 20.51
N ILE A 317 1.86 15.21 21.56
CA ILE A 317 3.04 14.73 22.25
C ILE A 317 2.69 13.66 23.28
N LEU A 318 1.50 13.77 23.89
CA LEU A 318 1.07 12.75 24.84
C LEU A 318 0.94 11.40 24.16
N GLY A 319 0.33 11.37 22.97
CA GLY A 319 0.27 10.13 22.20
C GLY A 319 1.64 9.70 21.69
N ASN A 320 2.45 10.67 21.27
CA ASN A 320 3.82 10.38 20.86
C ASN A 320 4.59 9.71 22.00
N TRP A 321 4.37 10.18 23.22
CA TRP A 321 4.98 9.56 24.39
C TRP A 321 4.28 8.26 24.77
N THR A 322 2.95 8.23 24.66
CA THR A 322 2.18 7.05 25.05
C THR A 322 2.57 5.84 24.22
N MET A 323 2.54 5.98 22.89
CA MET A 323 2.88 4.86 22.02
C MET A 323 4.36 4.52 22.07
N ALA A 324 5.20 5.46 22.51
CA ALA A 324 6.63 5.18 22.64
C ALA A 324 6.90 4.17 23.74
N TRP A 325 6.24 4.32 24.90
CA TRP A 325 6.47 3.39 26.00
C TRP A 325 5.96 2.00 25.67
N ILE A 326 4.80 1.93 25.00
CA ILE A 326 4.24 0.64 24.60
C ILE A 326 5.20 -0.09 23.67
N LEU A 327 5.90 0.65 22.81
CA LEU A 327 6.76 0.06 21.79
C LEU A 327 8.21 -0.02 22.26
N PHE A 328 8.83 1.13 22.52
CA PHE A 328 10.25 1.20 22.86
C PHE A 328 10.42 1.16 24.37
N ARG A 329 10.39 -0.05 24.92
CA ARG A 329 10.62 -0.25 26.34
C ARG A 329 12.12 -0.32 26.64
N ALA A 372 39.35 -0.15 6.50
CA ALA A 372 40.49 0.05 7.41
C ALA A 372 40.59 -1.10 8.42
N ASN A 373 41.80 -1.66 8.53
CA ASN A 373 42.05 -2.74 9.48
C ASN A 373 42.21 -2.14 10.87
N TYR A 374 41.26 -2.45 11.75
CA TYR A 374 41.19 -1.84 13.08
C TYR A 374 40.95 -2.90 14.15
N GLN A 375 41.33 -4.14 13.87
CA GLN A 375 41.20 -5.29 14.78
C GLN A 375 39.75 -5.75 14.96
N VAL A 376 38.85 -4.79 15.21
CA VAL A 376 37.44 -4.99 15.61
C VAL A 376 37.25 -6.14 16.60
N SER A 377 36.89 -5.79 17.84
CA SER A 377 36.63 -6.80 18.86
C SER A 377 35.22 -7.39 18.73
N LYS A 378 34.24 -6.57 18.36
CA LYS A 378 32.87 -7.04 18.20
C LYS A 378 32.18 -6.17 17.15
N GLU A 379 31.56 -6.81 16.16
CA GLU A 379 30.81 -6.12 15.12
C GLU A 379 29.33 -6.41 15.28
N ILE A 380 28.51 -5.39 15.06
CA ILE A 380 27.06 -5.52 15.13
C ILE A 380 26.47 -4.95 13.84
N ASP A 381 25.56 -5.70 13.22
CA ASP A 381 24.99 -5.33 11.94
C ASP A 381 23.63 -4.68 12.16
N VAL A 382 23.50 -3.41 11.77
CA VAL A 382 22.24 -2.68 11.90
C VAL A 382 21.85 -2.10 10.54
N ARG A 383 22.24 -2.78 9.47
CA ARG A 383 21.87 -2.35 8.12
C ARG A 383 20.45 -2.79 7.81
N GLY A 384 19.62 -1.85 7.40
CA GLY A 384 18.21 -2.10 7.16
C GLY A 384 17.30 -1.78 8.33
N GLU A 385 17.81 -1.17 9.38
CA GLU A 385 17.04 -0.86 10.58
C GLU A 385 16.57 0.59 10.56
N VAL A 386 15.36 0.82 11.07
CA VAL A 386 14.75 2.15 11.08
C VAL A 386 15.50 3.06 12.04
N CYS A 387 15.15 4.35 12.06
CA CYS A 387 16.03 5.40 12.57
C CYS A 387 16.56 5.17 13.98
N PRO A 388 15.75 4.86 15.00
CA PRO A 388 16.32 4.76 16.36
C PRO A 388 17.17 3.51 16.57
N ILE A 389 16.97 2.46 15.79
CA ILE A 389 17.63 1.17 16.06
C ILE A 389 19.16 1.27 15.97
N PRO A 390 19.75 1.87 14.92
CA PRO A 390 21.22 1.95 14.88
C PRO A 390 21.82 2.69 16.07
N ASP A 391 21.11 3.69 16.59
CA ASP A 391 21.59 4.39 17.78
C ASP A 391 21.40 3.54 19.03
N VAL A 392 20.29 2.79 19.10
CA VAL A 392 19.98 2.03 20.31
C VAL A 392 20.97 0.90 20.52
N GLU A 393 21.26 0.13 19.47
CA GLU A 393 22.16 -1.01 19.61
C GLU A 393 23.64 -0.62 19.55
N ALA A 394 23.95 0.60 19.12
CA ALA A 394 25.35 1.02 19.13
C ALA A 394 25.83 1.32 20.55
N LYS A 395 24.99 1.98 21.35
CA LYS A 395 25.35 2.24 22.75
C LYS A 395 25.22 0.98 23.60
N ARG A 396 24.31 0.07 23.25
CA ARG A 396 24.21 -1.21 23.95
C ARG A 396 25.44 -2.08 23.75
N ALA A 397 26.23 -1.81 22.71
CA ALA A 397 27.45 -2.57 22.46
C ALA A 397 28.64 -2.05 23.27
N VAL A 398 28.80 -0.72 23.36
CA VAL A 398 29.98 -0.15 24.00
C VAL A 398 29.90 -0.24 25.52
N GLN A 399 28.71 -0.06 26.10
CA GLN A 399 28.57 -0.20 27.55
C GLN A 399 28.57 -1.65 27.99
N SER A 400 28.12 -2.57 27.15
CA SER A 400 28.22 -4.00 27.45
C SER A 400 29.54 -4.52 26.91
N ALA A 401 30.55 -3.66 26.89
CA ALA A 401 31.89 -3.99 26.43
C ALA A 401 32.90 -3.51 27.44
N ASN A 402 34.06 -4.14 27.42
CA ASN A 402 35.14 -3.82 28.34
C ASN A 402 35.91 -2.58 27.87
N ASP A 403 36.98 -2.25 28.58
CA ASP A 403 37.81 -1.12 28.20
C ASP A 403 38.74 -1.50 27.05
N GLY A 404 38.84 -0.61 26.07
CA GLY A 404 39.70 -0.82 24.92
C GLY A 404 39.08 -1.59 23.78
N GLU A 405 37.78 -1.91 23.85
CA GLU A 405 37.13 -2.67 22.78
C GLU A 405 37.06 -1.85 21.50
N ILE A 406 37.35 -2.48 20.37
CA ILE A 406 37.08 -1.92 19.06
C ILE A 406 35.77 -2.50 18.57
N ILE A 407 34.76 -1.63 18.39
CA ILE A 407 33.41 -2.06 18.08
C ILE A 407 33.03 -1.53 16.71
N LEU A 408 32.60 -2.44 15.83
CA LEU A 408 32.25 -2.11 14.45
C LEU A 408 30.74 -1.95 14.34
N VAL A 409 30.31 -0.88 13.68
CA VAL A 409 28.90 -0.59 13.44
C VAL A 409 28.69 -0.50 11.94
N ARG A 410 27.86 -1.40 11.41
CA ARG A 410 27.53 -1.44 9.99
C ARG A 410 26.12 -0.91 9.80
N ILE A 411 25.99 0.21 9.09
CA ILE A 411 24.71 0.89 8.93
C ILE A 411 24.55 1.34 7.49
N ASP A 412 23.29 1.43 7.03
CA ASP A 412 22.94 1.81 5.67
C ASP A 412 21.96 2.98 5.61
N TYR A 413 21.80 3.74 6.70
CA TYR A 413 20.91 4.90 6.64
C TYR A 413 21.68 6.18 6.92
N PRO A 414 21.36 7.27 6.22
CA PRO A 414 22.18 8.49 6.33
C PRO A 414 22.23 9.11 7.72
N LEU A 415 21.09 9.25 8.40
CA LEU A 415 21.07 10.02 9.65
C LEU A 415 21.87 9.34 10.75
N SER A 416 21.89 8.02 10.78
CA SER A 416 22.50 7.30 11.89
C SER A 416 24.01 7.53 11.97
N LYS A 417 24.68 7.75 10.84
CA LYS A 417 26.12 8.00 10.89
C LYS A 417 26.46 9.35 11.49
N GLU A 418 25.47 10.23 11.65
CA GLU A 418 25.67 11.53 12.29
C GLU A 418 25.24 11.54 13.76
N ARG A 419 24.30 10.69 14.13
CA ARG A 419 23.82 10.61 15.51
C ARG A 419 24.66 9.67 16.36
N ILE A 420 25.18 8.59 15.76
CA ILE A 420 25.98 7.64 16.52
C ILE A 420 27.26 8.25 17.08
N PRO A 421 28.04 9.04 16.34
CA PRO A 421 29.28 9.60 16.93
C PRO A 421 29.04 10.41 18.19
N GLU A 422 27.92 11.13 18.29
CA GLU A 422 27.64 11.92 19.48
C GLU A 422 27.18 11.06 20.66
N THR A 423 26.44 9.98 20.40
CA THR A 423 25.93 9.12 21.46
C THR A 423 26.99 8.19 22.02
N VAL A 424 28.23 8.25 21.53
CA VAL A 424 29.32 7.47 22.07
C VAL A 424 30.40 8.35 22.70
N LYS A 425 30.46 9.65 22.37
CA LYS A 425 31.44 10.53 23.00
C LYS A 425 31.10 10.77 24.47
N LYS A 426 29.82 10.92 24.79
CA LYS A 426 29.41 11.05 26.19
C LYS A 426 29.53 9.73 26.94
N LEU A 427 29.52 8.60 26.23
CA LEU A 427 29.77 7.29 26.82
C LEU A 427 31.25 7.01 27.01
N GLY A 428 32.09 8.04 27.01
CA GLY A 428 33.50 7.90 27.28
C GLY A 428 34.32 7.58 26.05
N SER A 429 33.74 6.83 25.12
CA SER A 429 34.48 6.22 24.03
C SER A 429 34.87 7.28 22.98
N GLU A 430 35.44 6.81 21.87
CA GLU A 430 35.86 7.65 20.76
C GLU A 430 35.55 6.95 19.45
N VAL A 431 35.12 7.72 18.46
CA VAL A 431 34.94 7.18 17.10
C VAL A 431 36.29 7.22 16.39
N LEU A 432 36.75 6.06 15.93
CA LEU A 432 38.04 5.98 15.28
C LEU A 432 37.99 6.55 13.87
N GLU A 433 37.04 6.07 13.06
CA GLU A 433 36.96 6.47 11.66
C GLU A 433 35.60 6.07 11.11
N ILE A 434 34.98 6.98 10.36
CA ILE A 434 33.75 6.68 9.65
C ILE A 434 34.13 6.27 8.23
N GLU A 435 33.93 4.99 7.92
CA GLU A 435 34.38 4.40 6.66
C GLU A 435 33.21 4.23 5.70
N GLU A 436 33.47 4.50 4.43
CA GLU A 436 32.46 4.38 3.37
C GLU A 436 32.69 3.08 2.62
N ALA A 437 31.78 2.12 2.79
CA ALA A 437 31.94 0.80 2.19
C ALA A 437 31.23 0.72 0.84
N ALA A 438 29.99 0.24 0.85
CA ALA A 438 29.18 0.06 -0.35
C ALA A 438 28.39 1.33 -0.63
N PRO A 439 27.77 1.43 -1.83
CA PRO A 439 26.85 2.54 -2.09
C PRO A 439 25.77 2.68 -1.03
N GLY A 440 25.89 3.68 -0.17
CA GLY A 440 24.89 3.93 0.86
C GLY A 440 25.09 3.19 2.16
N GLU A 441 26.29 2.70 2.45
CA GLU A 441 26.58 2.00 3.69
C GLU A 441 27.87 2.55 4.30
N TRP A 442 27.87 2.70 5.62
CA TRP A 442 28.99 3.29 6.34
C TRP A 442 29.40 2.41 7.51
N ASN A 443 30.70 2.41 7.81
CA ASN A 443 31.27 1.65 8.90
C ASN A 443 31.80 2.61 9.96
N ILE A 444 31.49 2.31 11.22
CA ILE A 444 31.92 3.12 12.35
C ILE A 444 32.71 2.23 13.30
N TYR A 445 33.95 2.60 13.56
CA TYR A 445 34.81 1.89 14.50
C TYR A 445 34.93 2.71 15.78
N ILE A 446 34.68 2.05 16.91
CA ILE A 446 34.55 2.73 18.20
C ILE A 446 35.68 2.29 19.12
N LYS A 447 36.37 3.27 19.72
CA LYS A 447 37.41 3.02 20.71
C LYS A 447 36.80 3.23 22.09
N VAL A 448 36.46 2.12 22.76
CA VAL A 448 35.69 2.17 24.00
C VAL A 448 36.61 2.55 25.16
N LYS A 449 36.14 3.47 26.00
CA LYS A 449 36.89 3.94 27.16
C LYS A 449 36.19 3.49 28.44
N LYS A 450 36.97 2.97 29.40
CA LYS A 450 36.48 2.47 30.67
C LYS A 450 35.32 1.49 30.49
N MET B 1 -30.07 -11.05 1.99
CA MET B 1 -29.13 -12.14 2.24
C MET B 1 -27.70 -11.75 1.89
N ILE B 2 -27.37 -10.47 2.13
CA ILE B 2 -26.07 -9.93 1.77
C ILE B 2 -24.93 -10.78 2.34
N TRP B 3 -25.16 -11.40 3.50
CA TRP B 3 -24.09 -12.09 4.21
C TRP B 3 -23.66 -13.38 3.53
N THR B 4 -24.49 -13.95 2.64
CA THR B 4 -24.18 -15.24 2.05
C THR B 4 -22.90 -15.21 1.23
N GLY B 5 -22.49 -14.04 0.74
CA GLY B 5 -21.29 -13.95 -0.06
C GLY B 5 -20.01 -14.10 0.71
N LEU B 6 -19.97 -13.63 1.96
CA LEU B 6 -18.82 -13.92 2.80
C LEU B 6 -18.69 -15.42 3.01
N LEU B 7 -19.81 -16.12 3.13
CA LEU B 7 -19.79 -17.59 3.17
C LEU B 7 -19.33 -18.17 1.84
N VAL B 8 -19.91 -17.71 0.73
CA VAL B 8 -19.50 -18.19 -0.58
C VAL B 8 -18.03 -17.83 -0.84
N GLY B 9 -17.67 -16.59 -0.54
CA GLY B 9 -16.26 -16.20 -0.64
C GLY B 9 -15.37 -16.98 0.30
N PHE B 10 -15.87 -17.33 1.49
CA PHE B 10 -15.09 -18.12 2.43
C PHE B 10 -14.73 -19.47 1.84
N LEU B 11 -15.71 -20.14 1.23
CA LEU B 11 -15.41 -21.34 0.46
C LEU B 11 -14.53 -21.01 -0.74
N PHE B 12 -14.77 -19.86 -1.37
CA PHE B 12 -14.02 -19.48 -2.56
C PHE B 12 -12.53 -19.36 -2.26
N GLY B 13 -12.17 -18.77 -1.12
CA GLY B 13 -10.77 -18.64 -0.77
C GLY B 13 -10.11 -19.99 -0.56
N ILE B 14 -10.78 -20.89 0.17
CA ILE B 14 -10.20 -22.20 0.46
C ILE B 14 -10.03 -23.01 -0.82
N VAL B 15 -11.00 -22.91 -1.75
CA VAL B 15 -10.86 -23.59 -3.03
C VAL B 15 -9.69 -23.01 -3.81
N LEU B 16 -9.59 -21.68 -3.87
CA LEU B 16 -8.49 -21.05 -4.60
C LEU B 16 -7.16 -21.29 -3.91
N GLN B 17 -7.16 -21.38 -2.58
CA GLN B 17 -5.91 -21.54 -1.84
C GLN B 17 -5.31 -22.92 -2.05
N ARG B 18 -6.06 -23.97 -1.71
CA ARG B 18 -5.48 -25.31 -1.73
C ARG B 18 -5.37 -25.87 -3.13
N GLY B 19 -5.93 -25.20 -4.13
CA GLY B 19 -5.79 -25.58 -5.52
C GLY B 19 -4.83 -24.70 -6.29
N ARG B 20 -4.33 -23.64 -5.62
CA ARG B 20 -3.39 -22.68 -6.21
C ARG B 20 -3.93 -22.10 -7.52
N ILE B 21 -5.24 -21.86 -7.56
CA ILE B 21 -5.93 -21.53 -8.80
C ILE B 21 -5.79 -20.02 -9.03
N ALA B 22 -4.78 -19.63 -9.82
CA ALA B 22 -4.60 -18.25 -10.28
C ALA B 22 -4.59 -18.24 -11.80
N PHE B 23 -5.51 -17.47 -12.40
CA PHE B 23 -5.68 -17.53 -13.85
C PHE B 23 -4.53 -16.86 -14.59
N ASN B 24 -3.87 -15.88 -13.97
CA ASN B 24 -2.75 -15.23 -14.63
C ASN B 24 -1.61 -16.21 -14.90
N SER B 25 -1.35 -17.12 -13.95
CA SER B 25 -0.35 -18.16 -14.18
C SER B 25 -0.88 -19.25 -15.11
N ALA B 26 -2.20 -19.46 -15.11
CA ALA B 26 -2.81 -20.43 -16.02
C ALA B 26 -2.58 -20.03 -17.48
N PHE B 27 -2.74 -18.74 -17.79
CA PHE B 27 -2.50 -18.25 -19.13
C PHE B 27 -1.01 -18.18 -19.43
N ARG B 28 -0.21 -17.82 -18.43
CA ARG B 28 1.21 -17.54 -18.64
C ARG B 28 1.99 -18.80 -19.00
N ASP B 29 1.67 -19.92 -18.37
CA ASP B 29 2.48 -21.14 -18.48
C ASP B 29 2.11 -22.00 -19.67
N VAL B 30 1.07 -21.65 -20.44
CA VAL B 30 0.81 -22.37 -21.69
C VAL B 30 1.66 -21.81 -22.82
N LEU B 31 2.14 -20.57 -22.70
CA LEU B 31 3.06 -19.98 -23.67
C LEU B 31 4.51 -20.04 -23.21
N LEU B 32 4.77 -19.98 -21.90
CA LEU B 32 6.14 -19.98 -21.40
C LEU B 32 6.69 -21.40 -21.33
N PHE B 33 6.10 -22.24 -20.49
CA PHE B 33 6.66 -23.56 -20.18
C PHE B 33 5.84 -24.70 -20.76
N LYS B 34 4.83 -24.40 -21.57
CA LYS B 34 3.94 -25.42 -22.15
C LYS B 34 3.33 -26.30 -21.06
N ASP B 35 2.92 -25.66 -19.96
CA ASP B 35 2.34 -26.35 -18.81
C ASP B 35 0.84 -26.07 -18.76
N ASN B 36 0.04 -27.14 -18.68
CA ASN B 36 -1.40 -27.05 -18.85
C ASN B 36 -2.18 -27.54 -17.64
N TYR B 37 -1.54 -27.67 -16.47
CA TYR B 37 -2.26 -28.10 -15.28
C TYR B 37 -3.41 -27.15 -14.96
N LEU B 38 -3.14 -25.85 -14.93
CA LEU B 38 -4.16 -24.89 -14.51
C LEU B 38 -5.21 -24.67 -15.59
N PHE B 39 -4.83 -24.78 -16.88
CA PHE B 39 -5.84 -24.69 -17.92
C PHE B 39 -6.77 -25.89 -17.91
N LYS B 40 -6.24 -27.07 -17.56
CA LYS B 40 -7.11 -28.22 -17.39
C LYS B 40 -8.14 -27.95 -16.30
N LEU B 41 -7.69 -27.38 -15.18
CA LEU B 41 -8.62 -27.01 -14.11
C LEU B 41 -9.63 -25.98 -14.59
N ALA B 42 -9.23 -25.11 -15.53
CA ALA B 42 -10.13 -24.09 -16.03
C ALA B 42 -11.20 -24.68 -16.94
N VAL B 43 -10.79 -25.40 -17.98
CA VAL B 43 -11.73 -25.85 -19.01
C VAL B 43 -12.78 -26.79 -18.41
N PHE B 44 -12.37 -27.64 -17.46
CA PHE B 44 -13.32 -28.57 -16.86
C PHE B 44 -14.38 -27.83 -16.07
N THR B 45 -13.96 -26.82 -15.29
CA THR B 45 -14.91 -26.02 -14.52
C THR B 45 -15.85 -25.25 -15.43
N LEU B 46 -15.33 -24.76 -16.55
CA LEU B 46 -16.19 -24.07 -17.53
C LEU B 46 -17.27 -25.01 -18.03
N ALA B 47 -16.91 -26.26 -18.34
CA ALA B 47 -17.90 -27.24 -18.75
C ALA B 47 -18.87 -27.54 -17.62
N LEU B 48 -18.35 -27.77 -16.41
CA LEU B 48 -19.21 -28.07 -15.28
C LEU B 48 -20.16 -26.92 -14.99
N GLU B 49 -19.69 -25.68 -15.14
CA GLU B 49 -20.59 -24.54 -14.97
C GLU B 49 -21.50 -24.36 -16.18
N MET B 50 -21.07 -24.75 -17.37
CA MET B 50 -21.98 -24.74 -18.51
C MET B 50 -23.20 -25.60 -18.24
N ILE B 51 -22.99 -26.79 -17.72
CA ILE B 51 -24.10 -27.67 -17.34
C ILE B 51 -24.79 -27.15 -16.08
N LEU B 52 -24.01 -26.71 -15.08
CA LEU B 52 -24.59 -26.32 -13.80
C LEU B 52 -25.51 -25.11 -13.93
N PHE B 53 -25.06 -24.08 -14.64
CA PHE B 53 -25.85 -22.85 -14.72
C PHE B 53 -27.21 -23.09 -15.37
N VAL B 54 -27.22 -23.79 -16.50
CA VAL B 54 -28.49 -24.02 -17.20
C VAL B 54 -29.37 -24.96 -16.39
N LEU B 55 -28.77 -25.93 -15.71
CA LEU B 55 -29.56 -26.88 -14.93
C LEU B 55 -30.32 -26.19 -13.80
N LEU B 56 -29.66 -25.27 -13.10
CA LEU B 56 -30.30 -24.53 -12.02
C LEU B 56 -31.33 -23.53 -12.55
N SER B 57 -31.12 -23.03 -13.77
CA SER B 57 -32.08 -22.12 -14.37
C SER B 57 -33.40 -22.82 -14.68
N GLN B 58 -33.34 -24.12 -15.00
CA GLN B 58 -34.54 -24.84 -15.43
C GLN B 58 -35.59 -24.89 -14.33
N VAL B 59 -35.16 -25.12 -13.08
CA VAL B 59 -36.10 -25.32 -11.98
C VAL B 59 -36.57 -24.00 -11.39
N GLY B 60 -35.66 -23.05 -11.17
CA GLY B 60 -36.04 -21.75 -10.61
C GLY B 60 -35.10 -21.20 -9.56
N LEU B 61 -33.97 -21.87 -9.35
CA LEU B 61 -32.97 -21.38 -8.40
C LEU B 61 -32.22 -20.15 -8.90
N MET B 62 -32.19 -19.90 -10.21
CA MET B 62 -31.40 -18.80 -10.73
C MET B 62 -31.86 -18.46 -12.14
N GLN B 63 -31.23 -17.44 -12.71
CA GLN B 63 -31.30 -17.12 -14.12
C GLN B 63 -29.92 -16.68 -14.58
N MET B 64 -29.61 -16.94 -15.85
CA MET B 64 -28.36 -16.46 -16.41
C MET B 64 -28.50 -15.02 -16.87
N ASN B 65 -27.49 -14.20 -16.58
CA ASN B 65 -27.50 -12.78 -16.91
C ASN B 65 -26.21 -12.43 -17.64
N PRO B 66 -26.10 -12.77 -18.93
CA PRO B 66 -24.90 -12.44 -19.69
C PRO B 66 -24.67 -10.94 -19.77
N LYS B 67 -23.41 -10.54 -19.67
CA LYS B 67 -23.03 -9.13 -19.76
C LYS B 67 -23.12 -8.65 -21.20
N PRO B 68 -23.65 -7.44 -21.42
CA PRO B 68 -23.84 -6.96 -22.79
C PRO B 68 -22.52 -6.79 -23.53
N LEU B 69 -22.59 -6.91 -24.85
CA LEU B 69 -21.42 -6.90 -25.70
C LEU B 69 -21.04 -5.46 -26.07
N ASN B 70 -19.76 -5.13 -25.89
CA ASN B 70 -19.21 -3.85 -26.32
C ASN B 70 -17.84 -4.13 -26.91
N LEU B 71 -17.74 -4.07 -28.24
CA LEU B 71 -16.53 -4.49 -28.93
C LEU B 71 -15.33 -3.62 -28.55
N VAL B 72 -15.56 -2.32 -28.34
CA VAL B 72 -14.47 -1.45 -27.92
C VAL B 72 -14.00 -1.82 -26.52
N GLY B 73 -14.93 -2.00 -25.58
CA GLY B 73 -14.55 -2.24 -24.20
C GLY B 73 -13.93 -3.62 -23.99
N ASN B 74 -14.55 -4.66 -24.56
CA ASN B 74 -14.09 -6.02 -24.31
C ASN B 74 -12.69 -6.25 -24.86
N ILE B 75 -12.40 -5.70 -26.04
CA ILE B 75 -11.11 -5.97 -26.69
C ILE B 75 -10.00 -5.16 -26.05
N ILE B 76 -10.18 -3.85 -25.94
CA ILE B 76 -9.10 -2.98 -25.47
C ILE B 76 -8.88 -3.15 -23.98
N GLY B 77 -9.93 -3.00 -23.18
CA GLY B 77 -9.80 -3.20 -21.75
C GLY B 77 -9.40 -4.61 -21.38
N GLY B 78 -9.84 -5.60 -22.17
CA GLY B 78 -9.39 -6.96 -21.96
C GLY B 78 -7.89 -7.11 -22.18
N PHE B 79 -7.37 -6.44 -23.20
CA PHE B 79 -5.93 -6.48 -23.46
C PHE B 79 -5.15 -5.81 -22.32
N VAL B 80 -5.59 -4.62 -21.90
CA VAL B 80 -4.88 -3.88 -20.86
C VAL B 80 -4.95 -4.65 -19.54
N PHE B 81 -6.11 -5.22 -19.21
CA PHE B 81 -6.22 -6.05 -18.02
C PHE B 81 -5.23 -7.20 -18.05
N GLY B 82 -4.99 -7.77 -19.23
CA GLY B 82 -3.97 -8.79 -19.37
C GLY B 82 -2.58 -8.27 -19.07
N LEU B 83 -2.30 -7.02 -19.44
CA LEU B 83 -1.03 -6.42 -19.07
C LEU B 83 -0.87 -6.30 -17.57
N GLY B 84 -1.95 -5.89 -16.88
CA GLY B 84 -1.87 -5.71 -15.44
C GLY B 84 -1.70 -7.02 -14.69
N MET B 85 -2.17 -8.13 -15.26
CA MET B 85 -2.04 -9.43 -14.61
C MET B 85 -0.58 -9.75 -14.32
N VAL B 86 0.24 -9.79 -15.37
CA VAL B 86 1.66 -10.11 -15.19
C VAL B 86 2.32 -9.07 -14.31
N LEU B 87 1.96 -7.79 -14.49
CA LEU B 87 2.58 -6.74 -13.70
C LEU B 87 2.19 -6.83 -12.24
N ALA B 88 0.90 -7.07 -11.95
CA ALA B 88 0.43 -7.16 -10.58
C ALA B 88 0.75 -8.49 -9.92
N GLY B 89 1.62 -9.31 -10.53
CA GLY B 89 2.01 -10.58 -9.96
C GLY B 89 0.90 -11.60 -9.85
N GLY B 90 -0.21 -11.40 -10.55
CA GLY B 90 -1.32 -12.33 -10.49
C GLY B 90 -2.60 -11.66 -10.94
N CYS B 91 -3.63 -12.49 -11.10
CA CYS B 91 -4.91 -12.00 -11.61
C CYS B 91 -5.61 -11.15 -10.55
N ALA B 92 -6.85 -10.73 -10.85
CA ALA B 92 -7.59 -9.87 -9.93
C ALA B 92 -7.95 -10.62 -8.65
N SER B 93 -8.64 -11.74 -8.76
CA SER B 93 -8.84 -12.61 -7.62
C SER B 93 -7.53 -13.27 -7.19
N GLY B 94 -6.53 -13.30 -8.08
CA GLY B 94 -5.27 -13.95 -7.78
C GLY B 94 -4.41 -13.21 -6.76
N VAL B 95 -4.61 -11.90 -6.61
CA VAL B 95 -3.96 -11.19 -5.52
C VAL B 95 -4.83 -11.21 -4.28
N THR B 96 -6.15 -11.17 -4.48
CA THR B 96 -7.07 -11.05 -3.34
C THR B 96 -6.95 -12.26 -2.42
N TYR B 97 -6.95 -13.48 -2.97
CA TYR B 97 -6.78 -14.63 -2.11
C TYR B 97 -5.37 -14.69 -1.55
N ARG B 98 -4.40 -14.14 -2.29
CA ARG B 98 -3.03 -14.07 -1.83
C ARG B 98 -2.81 -13.07 -0.70
N VAL B 99 -3.78 -12.17 -0.46
CA VAL B 99 -3.67 -11.27 0.68
C VAL B 99 -3.76 -12.05 1.98
N GLY B 100 -4.62 -13.08 2.02
CA GLY B 100 -4.75 -13.92 3.21
C GLY B 100 -3.53 -14.77 3.48
N GLU B 101 -2.68 -15.00 2.48
CA GLU B 101 -1.47 -15.77 2.71
C GLU B 101 -0.42 -14.99 3.48
N GLY B 102 -0.34 -13.67 3.26
CA GLY B 102 0.63 -12.84 3.94
C GLY B 102 1.64 -12.18 3.01
N LEU B 103 1.27 -11.98 1.75
CA LEU B 103 2.17 -11.40 0.76
C LEU B 103 1.97 -9.89 0.74
N THR B 104 3.02 -9.15 1.10
CA THR B 104 2.93 -7.70 1.14
C THR B 104 2.79 -7.10 -0.25
N THR B 105 3.42 -7.71 -1.26
CA THR B 105 3.29 -7.21 -2.63
C THR B 105 1.87 -7.35 -3.16
N ALA B 106 1.09 -8.29 -2.63
CA ALA B 106 -0.33 -8.40 -2.98
C ALA B 106 -1.15 -7.32 -2.28
N TRP B 107 -0.80 -6.96 -1.04
CA TRP B 107 -1.47 -5.86 -0.36
C TRP B 107 -1.30 -4.56 -1.15
N PHE B 108 -0.06 -4.30 -1.59
CA PHE B 108 0.19 -3.15 -2.43
C PHE B 108 -0.61 -3.24 -3.72
N ALA B 109 -0.56 -4.40 -4.37
CA ALA B 109 -1.30 -4.59 -5.62
C ALA B 109 -2.80 -4.44 -5.41
N ALA B 110 -3.31 -4.94 -4.29
CA ALA B 110 -4.72 -4.77 -3.97
C ALA B 110 -5.07 -3.30 -3.78
N LEU B 111 -4.17 -2.54 -3.16
CA LEU B 111 -4.43 -1.12 -2.91
C LEU B 111 -4.59 -0.35 -4.22
N PHE B 112 -3.73 -0.64 -5.22
CA PHE B 112 -3.84 0.04 -6.50
C PHE B 112 -4.92 -0.56 -7.39
N TYR B 113 -5.21 -1.86 -7.24
CA TYR B 113 -6.24 -2.49 -8.05
C TYR B 113 -7.62 -1.97 -7.71
N GLY B 114 -7.92 -1.79 -6.43
CA GLY B 114 -9.19 -1.21 -6.01
C GLY B 114 -9.33 0.25 -6.37
N LEU B 115 -8.28 1.05 -6.11
CA LEU B 115 -8.39 2.49 -6.29
C LEU B 115 -8.44 2.85 -7.77
N GLY B 116 -7.70 2.12 -8.61
CA GLY B 116 -7.82 2.34 -10.04
C GLY B 116 -9.20 2.00 -10.57
N ALA B 117 -9.77 0.90 -10.07
CA ALA B 117 -11.12 0.52 -10.49
C ALA B 117 -12.15 1.55 -10.04
N TYR B 118 -12.01 2.08 -8.82
CA TYR B 118 -12.88 3.17 -8.40
C TYR B 118 -12.65 4.40 -9.25
N ALA B 119 -11.40 4.69 -9.61
CA ALA B 119 -11.10 5.82 -10.47
C ALA B 119 -11.67 5.61 -11.86
N THR B 120 -11.45 4.42 -12.44
CA THR B 120 -11.94 4.16 -13.79
C THR B 120 -13.47 4.10 -13.84
N LYS B 121 -14.11 3.78 -12.72
CA LYS B 121 -15.56 3.76 -12.67
C LYS B 121 -16.12 5.17 -12.60
N SER B 122 -15.78 5.91 -11.54
CA SER B 122 -16.32 7.24 -11.33
C SER B 122 -15.27 8.30 -11.04
N GLY B 123 -14.00 7.92 -10.91
CA GLY B 123 -12.97 8.89 -10.59
C GLY B 123 -12.39 9.61 -11.78
N ALA B 124 -11.07 9.78 -11.78
CA ALA B 124 -10.38 10.60 -12.77
C ALA B 124 -10.33 9.97 -14.15
N PHE B 125 -10.76 8.71 -14.32
CA PHE B 125 -10.77 8.07 -15.63
C PHE B 125 -12.17 7.89 -16.17
N SER B 126 -13.16 8.59 -15.61
CA SER B 126 -14.53 8.48 -16.08
C SER B 126 -14.71 9.02 -17.50
N TRP B 127 -13.81 9.88 -17.97
CA TRP B 127 -13.88 10.33 -19.35
C TRP B 127 -13.62 9.18 -20.33
N TRP B 128 -12.63 8.35 -20.02
CA TRP B 128 -12.30 7.21 -20.86
C TRP B 128 -13.45 6.20 -20.90
N LEU B 129 -14.06 5.95 -19.74
CA LEU B 129 -15.18 5.01 -19.69
C LEU B 129 -16.41 5.59 -20.39
N SER B 130 -16.67 6.88 -20.20
CA SER B 130 -17.85 7.48 -20.82
C SER B 130 -17.76 7.43 -22.34
N TRP B 131 -16.57 7.69 -22.89
CA TRP B 131 -16.36 7.57 -24.33
C TRP B 131 -16.54 6.14 -24.79
N VAL B 132 -15.98 5.18 -24.05
CA VAL B 132 -16.01 3.78 -24.47
C VAL B 132 -17.46 3.26 -24.48
N GLY B 133 -18.32 3.86 -23.67
CA GLY B 133 -19.68 3.34 -23.52
C GLY B 133 -20.59 3.58 -24.71
N GLN B 134 -20.18 4.40 -25.67
CA GLN B 134 -21.04 4.67 -26.82
C GLN B 134 -21.09 3.52 -27.82
N PHE B 135 -20.31 2.45 -27.59
CA PHE B 135 -20.18 1.34 -28.52
C PHE B 135 -20.92 0.09 -28.04
N LYS B 136 -21.98 0.28 -27.25
CA LYS B 136 -22.71 -0.83 -26.65
C LYS B 136 -23.65 -1.44 -27.68
N SER B 137 -23.45 -2.71 -27.98
CA SER B 137 -24.29 -3.41 -28.95
C SER B 137 -25.70 -3.57 -28.37
N PRO B 138 -26.73 -3.08 -29.04
CA PRO B 138 -28.10 -3.16 -28.49
C PRO B 138 -28.76 -4.51 -28.64
N LEU B 139 -28.02 -5.54 -29.05
CA LEU B 139 -28.58 -6.89 -29.11
C LEU B 139 -28.95 -7.36 -27.72
N SER B 140 -30.23 -7.68 -27.53
CA SER B 140 -30.73 -8.10 -26.23
C SER B 140 -31.52 -9.39 -26.38
N VAL B 141 -31.41 -10.26 -25.37
CA VAL B 141 -32.30 -11.40 -25.24
C VAL B 141 -33.59 -10.91 -24.58
N GLU B 142 -34.45 -11.83 -24.17
CA GLU B 142 -35.71 -11.46 -23.57
C GLU B 142 -35.92 -12.25 -22.29
N GLU B 143 -36.76 -11.70 -21.41
CA GLU B 143 -37.03 -12.33 -20.13
C GLU B 143 -37.52 -13.76 -20.32
N SER B 144 -36.85 -14.70 -19.67
CA SER B 144 -37.20 -16.11 -19.76
C SER B 144 -36.61 -16.82 -18.56
N ALA B 145 -36.96 -18.10 -18.41
CA ALA B 145 -36.40 -18.90 -17.35
C ALA B 145 -34.91 -19.15 -17.54
N TYR B 146 -34.36 -18.82 -18.71
CA TYR B 146 -32.94 -18.99 -19.00
C TYR B 146 -32.15 -17.68 -18.98
N TYR B 147 -32.75 -16.56 -19.37
CA TYR B 147 -32.06 -15.29 -19.48
C TYR B 147 -32.88 -14.19 -18.82
N VAL B 148 -32.19 -13.31 -18.09
CA VAL B 148 -32.85 -12.15 -17.48
C VAL B 148 -33.17 -11.13 -18.57
N LYS B 149 -34.22 -10.34 -18.32
CA LYS B 149 -34.74 -9.43 -19.33
C LYS B 149 -33.68 -8.44 -19.80
N GLY B 150 -33.55 -8.32 -21.12
CA GLY B 150 -32.64 -7.34 -21.71
C GLY B 150 -31.18 -7.57 -21.41
N ALA B 151 -30.75 -8.82 -21.29
CA ALA B 151 -29.34 -9.13 -21.10
C ALA B 151 -28.63 -9.08 -22.44
N GLY B 152 -27.39 -9.58 -22.48
CA GLY B 152 -26.58 -9.52 -23.67
C GLY B 152 -26.86 -10.66 -24.63
N PRO B 153 -26.05 -10.77 -25.68
CA PRO B 153 -26.16 -11.90 -26.60
C PRO B 153 -25.32 -13.08 -26.15
N THR B 154 -25.64 -14.25 -26.70
CA THR B 154 -24.99 -15.49 -26.33
C THR B 154 -24.77 -16.34 -27.58
N ILE B 155 -23.98 -17.41 -27.42
CA ILE B 155 -23.82 -18.38 -28.49
C ILE B 155 -25.17 -18.99 -28.86
N SER B 156 -26.03 -19.23 -27.87
CA SER B 156 -27.35 -19.80 -28.12
C SER B 156 -28.30 -18.78 -28.74
N SER B 157 -28.40 -17.59 -28.14
CA SER B 157 -29.35 -16.59 -28.63
C SER B 157 -29.05 -16.20 -30.08
N VAL B 158 -27.77 -16.13 -30.43
CA VAL B 158 -27.39 -15.80 -31.80
C VAL B 158 -27.90 -16.86 -32.77
N LEU B 159 -27.76 -18.14 -32.41
CA LEU B 159 -28.11 -19.23 -33.31
C LEU B 159 -29.60 -19.55 -33.31
N GLY B 160 -30.39 -18.91 -32.44
CA GLY B 160 -31.80 -19.24 -32.37
C GLY B 160 -32.09 -20.57 -31.71
N LEU B 161 -31.17 -21.08 -30.92
CA LEU B 161 -31.30 -22.39 -30.28
C LEU B 161 -31.70 -22.25 -28.82
N ASN B 162 -32.11 -23.37 -28.24
CA ASN B 162 -32.34 -23.47 -26.80
C ASN B 162 -30.99 -23.53 -26.07
N PRO B 163 -30.90 -22.94 -24.88
CA PRO B 163 -29.60 -22.88 -24.18
C PRO B 163 -28.97 -24.23 -23.92
N TRP B 164 -29.76 -25.29 -23.80
CA TRP B 164 -29.20 -26.59 -23.48
C TRP B 164 -28.25 -27.08 -24.57
N ILE B 165 -28.59 -26.82 -25.83
CA ILE B 165 -27.86 -27.41 -26.96
C ILE B 165 -26.40 -26.95 -26.94
N PRO B 166 -26.09 -25.64 -27.03
CA PRO B 166 -24.67 -25.25 -26.96
C PRO B 166 -23.98 -25.65 -25.68
N ALA B 167 -24.70 -25.61 -24.55
CA ALA B 167 -24.12 -26.03 -23.28
C ALA B 167 -23.74 -27.50 -23.30
N LEU B 168 -24.63 -28.35 -23.84
CA LEU B 168 -24.36 -29.77 -23.84
C LEU B 168 -23.33 -30.16 -24.90
N VAL B 169 -23.23 -29.39 -25.98
CA VAL B 169 -22.24 -29.69 -27.01
C VAL B 169 -20.86 -29.19 -26.59
N ILE B 170 -20.76 -27.92 -26.19
CA ILE B 170 -19.45 -27.33 -25.91
C ILE B 170 -18.83 -27.93 -24.65
N ALA B 171 -19.64 -28.17 -23.62
CA ALA B 171 -19.12 -28.75 -22.39
C ALA B 171 -18.58 -30.17 -22.62
N ALA B 172 -19.31 -30.99 -23.39
CA ALA B 172 -18.80 -32.33 -23.67
C ALA B 172 -17.48 -32.26 -24.43
N LEU B 173 -17.38 -31.34 -25.39
CA LEU B 173 -16.13 -31.15 -26.10
C LEU B 173 -15.02 -30.71 -25.16
N PHE B 174 -15.34 -29.82 -24.22
CA PHE B 174 -14.38 -29.45 -23.18
C PHE B 174 -14.00 -30.66 -22.33
N ILE B 175 -15.00 -31.43 -21.89
CA ILE B 175 -14.74 -32.60 -21.05
C ILE B 175 -13.94 -33.65 -21.81
N LEU B 176 -14.33 -33.91 -23.06
CA LEU B 176 -13.57 -34.84 -23.90
C LEU B 176 -12.14 -34.37 -24.08
N TRP B 177 -11.94 -33.07 -24.31
CA TRP B 177 -10.60 -32.56 -24.52
C TRP B 177 -9.74 -32.72 -23.28
N ALA B 178 -10.28 -32.32 -22.12
CA ALA B 178 -9.49 -32.33 -20.88
C ALA B 178 -9.07 -33.74 -20.49
N PHE B 179 -9.98 -34.71 -20.61
CA PHE B 179 -9.68 -36.05 -20.14
C PHE B 179 -8.83 -36.84 -21.13
N GLY B 180 -8.97 -36.57 -22.42
CA GLY B 180 -8.18 -37.29 -23.41
C GLY B 180 -6.83 -36.67 -23.72
N THR B 181 -6.48 -35.57 -23.06
CA THR B 181 -5.27 -34.81 -23.35
C THR B 181 -4.24 -35.02 -22.26
N LYS B 182 -2.97 -34.99 -22.65
CA LYS B 182 -1.87 -35.00 -21.69
C LYS B 182 -1.97 -33.81 -20.75
N THR B 183 -1.69 -34.06 -19.47
CA THR B 183 -1.70 -33.02 -18.45
C THR B 183 -0.37 -33.01 -17.71
N THR B 184 0.24 -31.84 -17.60
CA THR B 184 1.45 -31.70 -16.80
C THR B 184 1.15 -32.02 -15.35
N SER B 185 2.04 -32.77 -14.71
CA SER B 185 1.78 -33.34 -13.40
C SER B 185 2.36 -32.45 -12.30
N ARG B 186 1.58 -32.28 -11.23
CA ARG B 186 2.00 -31.58 -10.03
C ARG B 186 1.75 -32.51 -8.83
N GLU B 187 2.05 -32.02 -7.62
CA GLU B 187 1.74 -32.75 -6.40
C GLU B 187 0.75 -31.98 -5.52
N THR B 188 -0.04 -31.08 -6.11
CA THR B 188 -1.18 -30.53 -5.39
C THR B 188 -2.18 -31.64 -5.11
N LYS B 189 -2.37 -31.95 -3.82
CA LYS B 189 -3.26 -33.06 -3.46
C LYS B 189 -4.68 -32.78 -3.90
N PHE B 190 -5.14 -31.55 -3.73
CA PHE B 190 -6.44 -31.09 -4.22
C PHE B 190 -6.34 -30.99 -5.74
N ASN B 191 -6.46 -32.14 -6.40
CA ASN B 191 -6.10 -32.26 -7.81
C ASN B 191 -7.05 -31.44 -8.70
N TRP B 192 -6.65 -31.29 -9.96
CA TRP B 192 -7.38 -30.42 -10.87
C TRP B 192 -8.81 -30.90 -11.12
N LYS B 193 -9.03 -32.21 -11.05
CA LYS B 193 -10.37 -32.75 -11.31
C LYS B 193 -11.33 -32.36 -10.21
N ILE B 194 -11.03 -32.74 -8.97
CA ILE B 194 -11.91 -32.45 -7.84
C ILE B 194 -12.01 -30.94 -7.62
N ALA B 195 -10.88 -30.23 -7.72
CA ALA B 195 -10.90 -28.78 -7.58
C ALA B 195 -11.76 -28.11 -8.62
N SER B 196 -11.88 -28.71 -9.81
CA SER B 196 -12.80 -28.20 -10.81
C SER B 196 -14.26 -28.48 -10.42
N VAL B 197 -14.50 -29.58 -9.72
CA VAL B 197 -15.84 -29.84 -9.20
C VAL B 197 -16.22 -28.81 -8.16
N CYS B 198 -15.34 -28.61 -7.17
CA CYS B 198 -15.65 -27.69 -6.08
C CYS B 198 -15.75 -26.26 -6.57
N LEU B 199 -14.96 -25.91 -7.60
CA LEU B 199 -14.94 -24.53 -8.07
C LEU B 199 -16.23 -24.16 -8.77
N ALA B 200 -16.91 -25.14 -9.38
CA ALA B 200 -18.23 -24.89 -9.95
C ALA B 200 -19.32 -24.92 -8.89
N LEU B 201 -19.18 -25.83 -7.91
CA LEU B 201 -20.15 -25.91 -6.83
C LEU B 201 -20.19 -24.61 -6.02
N VAL B 202 -19.01 -24.05 -5.72
CA VAL B 202 -18.97 -22.73 -5.10
C VAL B 202 -19.56 -21.68 -6.04
N ALA B 203 -19.19 -21.76 -7.33
CA ALA B 203 -19.66 -20.79 -8.30
C ALA B 203 -21.18 -20.86 -8.44
N GLY B 204 -21.73 -22.06 -8.53
CA GLY B 204 -23.18 -22.20 -8.55
C GLY B 204 -23.81 -21.72 -7.26
N LEU B 205 -23.21 -22.08 -6.11
CA LEU B 205 -23.70 -21.58 -4.84
C LEU B 205 -23.64 -20.06 -4.80
N GLY B 206 -22.59 -19.48 -5.40
CA GLY B 206 -22.52 -18.04 -5.49
C GLY B 206 -23.71 -17.45 -6.25
N PHE B 207 -24.06 -18.07 -7.38
CA PHE B 207 -25.19 -17.57 -8.16
C PHE B 207 -26.48 -17.62 -7.36
N ILE B 208 -26.80 -18.80 -6.82
CA ILE B 208 -28.10 -19.01 -6.18
C ILE B 208 -28.24 -18.11 -4.97
N THR B 209 -27.17 -17.99 -4.18
CA THR B 209 -27.24 -17.18 -2.97
C THR B 209 -27.20 -15.68 -3.29
N SER B 210 -26.35 -15.28 -4.25
CA SER B 210 -26.24 -13.86 -4.56
C SER B 210 -27.48 -13.35 -5.28
N THR B 211 -28.09 -14.17 -6.14
CA THR B 211 -29.29 -13.75 -6.86
C THR B 211 -30.39 -13.35 -5.90
N LEU B 212 -30.45 -13.99 -4.73
CA LEU B 212 -31.44 -13.61 -3.72
C LEU B 212 -31.10 -12.26 -3.10
N SER B 213 -29.82 -11.88 -3.08
CA SER B 213 -29.42 -10.60 -2.51
C SER B 213 -29.86 -9.41 -3.36
N GLY B 214 -30.16 -9.64 -4.64
CA GLY B 214 -30.42 -8.57 -5.58
C GLY B 214 -29.36 -8.39 -6.64
N ARG B 215 -28.24 -9.10 -6.55
CA ARG B 215 -27.23 -9.12 -7.60
C ARG B 215 -27.37 -10.45 -8.36
N LYS B 216 -27.80 -10.36 -9.62
CA LYS B 216 -28.10 -11.55 -10.41
C LYS B 216 -26.87 -12.01 -11.19
N TYR B 217 -25.82 -12.33 -10.43
CA TYR B 217 -24.57 -12.79 -11.01
C TYR B 217 -23.79 -13.61 -9.99
N GLY B 218 -22.82 -14.36 -10.49
CA GLY B 218 -21.99 -15.19 -9.63
C GLY B 218 -20.76 -14.47 -9.11
N LEU B 219 -19.61 -15.14 -9.19
CA LEU B 219 -18.39 -14.58 -8.64
C LEU B 219 -17.91 -13.42 -9.52
N GLY B 220 -17.86 -12.22 -8.94
CA GLY B 220 -17.30 -11.06 -9.59
C GLY B 220 -16.41 -10.29 -8.63
N ILE B 221 -15.19 -9.98 -9.06
CA ILE B 221 -14.15 -9.50 -8.16
C ILE B 221 -14.01 -7.98 -8.19
N THR B 222 -13.88 -7.39 -9.39
CA THR B 222 -13.71 -5.95 -9.48
C THR B 222 -14.93 -5.22 -8.94
N GLY B 223 -16.13 -5.71 -9.27
CA GLY B 223 -17.34 -5.09 -8.75
C GLY B 223 -17.41 -5.18 -7.23
N GLY B 224 -16.89 -6.27 -6.66
CA GLY B 224 -16.90 -6.41 -5.22
C GLY B 224 -16.03 -5.38 -4.51
N TRP B 225 -14.84 -5.11 -5.06
CA TRP B 225 -13.93 -4.17 -4.41
C TRP B 225 -14.55 -2.77 -4.30
N ILE B 226 -15.17 -2.32 -5.39
CA ILE B 226 -15.69 -0.95 -5.41
C ILE B 226 -16.78 -0.77 -4.35
N ASN B 227 -17.57 -1.81 -4.10
CA ASN B 227 -18.59 -1.74 -3.07
C ASN B 227 -17.98 -1.55 -1.69
N LEU B 228 -16.83 -2.19 -1.42
CA LEU B 228 -16.14 -1.96 -0.17
C LEU B 228 -15.62 -0.53 -0.06
N PHE B 229 -14.93 -0.06 -1.10
CA PHE B 229 -14.34 1.27 -1.05
C PHE B 229 -15.40 2.36 -0.97
N GLN B 230 -16.51 2.18 -1.69
CA GLN B 230 -17.63 3.10 -1.57
C GLN B 230 -18.15 3.12 -0.14
N GLY B 231 -18.31 1.95 0.47
CA GLY B 231 -18.78 1.90 1.84
C GLY B 231 -17.82 2.57 2.80
N PHE B 232 -16.51 2.37 2.61
CA PHE B 232 -15.54 2.90 3.55
C PHE B 232 -15.34 4.39 3.38
N LEU B 233 -15.31 4.87 2.14
CA LEU B 233 -15.02 6.26 1.86
C LEU B 233 -16.26 7.10 1.58
N THR B 234 -17.44 6.48 1.51
CA THR B 234 -18.66 7.23 1.26
C THR B 234 -19.78 6.79 2.20
N ASN B 235 -19.49 5.90 3.16
CA ASN B 235 -20.46 5.37 4.11
C ASN B 235 -21.67 4.78 3.38
N SER B 236 -21.39 4.00 2.32
CA SER B 236 -22.43 3.28 1.59
C SER B 236 -22.55 1.87 2.13
N PRO B 237 -23.74 1.25 2.00
CA PRO B 237 -23.91 -0.12 2.49
C PRO B 237 -23.00 -1.09 1.74
N LEU B 238 -22.49 -2.08 2.47
CA LEU B 238 -21.78 -3.17 1.83
C LEU B 238 -22.76 -4.08 1.11
N ASN B 239 -22.23 -4.89 0.19
CA ASN B 239 -23.09 -5.75 -0.62
C ASN B 239 -22.51 -7.17 -0.67
N TRP B 240 -23.21 -8.03 -1.40
CA TRP B 240 -22.84 -9.44 -1.47
C TRP B 240 -21.43 -9.64 -1.98
N GLU B 241 -21.09 -9.05 -3.13
CA GLU B 241 -19.75 -9.26 -3.65
C GLU B 241 -18.70 -8.48 -2.87
N GLY B 242 -19.09 -7.40 -2.19
CA GLY B 242 -18.16 -6.77 -1.27
C GLY B 242 -17.80 -7.69 -0.13
N LEU B 243 -18.81 -8.34 0.44
CA LEU B 243 -18.56 -9.35 1.46
C LEU B 243 -17.83 -10.56 0.87
N GLU B 244 -18.14 -10.89 -0.38
CA GLU B 244 -17.43 -11.97 -1.06
C GLU B 244 -15.95 -11.67 -1.16
N ILE B 245 -15.59 -10.41 -1.41
CA ILE B 245 -14.19 -10.02 -1.45
C ILE B 245 -13.52 -10.30 -0.12
N VAL B 246 -14.20 -9.97 0.98
CA VAL B 246 -13.68 -10.27 2.31
C VAL B 246 -13.56 -11.78 2.51
N GLY B 247 -14.62 -12.51 2.15
CA GLY B 247 -14.64 -13.94 2.41
C GLY B 247 -13.52 -14.69 1.70
N ILE B 248 -13.12 -14.22 0.52
CA ILE B 248 -11.98 -14.82 -0.18
C ILE B 248 -10.74 -14.72 0.69
N ILE B 249 -10.47 -13.53 1.22
CA ILE B 249 -9.29 -13.30 2.03
C ILE B 249 -9.38 -14.08 3.33
N LEU B 250 -10.53 -13.96 4.02
CA LEU B 250 -10.71 -14.69 5.27
C LEU B 250 -10.70 -16.20 5.03
N GLY B 251 -11.30 -16.63 3.93
CA GLY B 251 -11.26 -18.06 3.59
C GLY B 251 -9.86 -18.55 3.34
N ALA B 252 -9.08 -17.81 2.55
CA ALA B 252 -7.70 -18.21 2.33
C ALA B 252 -6.87 -18.08 3.61
N GLY B 253 -7.18 -17.09 4.45
CA GLY B 253 -6.44 -16.91 5.69
C GLY B 253 -6.57 -18.10 6.61
N VAL B 254 -7.77 -18.69 6.70
CA VAL B 254 -7.95 -19.92 7.46
C VAL B 254 -7.15 -21.05 6.82
N ALA B 255 -7.19 -21.16 5.48
CA ALA B 255 -6.54 -22.27 4.81
C ALA B 255 -5.03 -22.11 4.74
N ALA B 256 -4.53 -20.88 4.65
CA ALA B 256 -3.09 -20.67 4.60
C ALA B 256 -2.41 -21.02 5.92
N ALA B 257 -3.12 -20.88 7.04
CA ALA B 257 -2.54 -21.13 8.35
C ALA B 257 -2.63 -22.59 8.79
N VAL B 258 -3.75 -23.26 8.52
CA VAL B 258 -3.93 -24.64 8.97
C VAL B 258 -2.91 -25.55 8.29
N ALA B 259 -2.69 -25.36 6.99
CA ALA B 259 -1.66 -26.09 6.28
C ALA B 259 -0.25 -25.61 6.63
N GLY B 260 -0.12 -24.65 7.54
CA GLY B 260 1.18 -24.15 7.93
C GLY B 260 1.88 -23.35 6.86
N GLU B 261 1.14 -22.80 5.91
CA GLU B 261 1.71 -22.08 4.79
C GLU B 261 1.76 -20.57 5.02
N PHE B 262 1.25 -20.08 6.14
CA PHE B 262 1.19 -18.65 6.38
C PHE B 262 2.56 -18.09 6.72
N LYS B 263 2.85 -16.89 6.19
CA LYS B 263 4.13 -16.23 6.40
C LYS B 263 4.05 -14.82 5.83
N LEU B 264 4.46 -13.83 6.61
CA LEU B 264 4.48 -12.45 6.13
C LEU B 264 5.65 -12.27 5.17
N ARG B 265 5.37 -11.97 3.91
CA ARG B 265 6.33 -12.12 2.82
C ARG B 265 6.72 -10.76 2.25
N MET B 266 8.01 -10.64 1.91
CA MET B 266 8.56 -9.50 1.21
C MET B 266 9.27 -9.97 -0.05
N PRO B 267 9.30 -9.15 -1.09
CA PRO B 267 10.04 -9.52 -2.30
C PRO B 267 11.54 -9.51 -2.07
N LYS B 268 12.31 -9.88 -3.09
CA LYS B 268 13.77 -9.85 -2.96
C LYS B 268 14.29 -8.42 -2.96
N ASN B 269 13.92 -7.65 -3.97
CA ASN B 269 14.38 -6.27 -4.04
C ASN B 269 13.19 -5.33 -3.91
N PRO B 270 13.38 -4.17 -3.28
CA PRO B 270 12.23 -3.27 -3.02
C PRO B 270 11.54 -2.78 -4.28
N VAL B 271 12.16 -2.94 -5.45
CA VAL B 271 11.63 -2.40 -6.68
C VAL B 271 10.30 -3.05 -7.09
N THR B 272 10.01 -4.24 -6.58
CA THR B 272 8.82 -4.97 -7.02
C THR B 272 7.52 -4.28 -6.61
N TYR B 273 7.54 -3.50 -5.52
CA TYR B 273 6.31 -2.84 -5.07
C TYR B 273 5.81 -1.82 -6.09
N LEU B 274 6.72 -1.08 -6.73
CA LEU B 274 6.30 -0.16 -7.77
C LEU B 274 5.79 -0.91 -9.00
N GLN B 275 6.46 -2.01 -9.36
CA GLN B 275 6.03 -2.80 -10.51
C GLN B 275 4.64 -3.37 -10.29
N VAL B 276 4.39 -3.95 -9.12
CA VAL B 276 3.06 -4.46 -8.82
C VAL B 276 2.09 -3.30 -8.59
N GLY B 277 2.61 -2.12 -8.24
CA GLY B 277 1.75 -0.97 -8.07
C GLY B 277 1.07 -0.58 -9.36
N ILE B 278 1.83 -0.54 -10.46
CA ILE B 278 1.24 -0.26 -11.77
C ILE B 278 0.28 -1.38 -12.16
N GLY B 279 0.62 -2.61 -11.81
CA GLY B 279 -0.19 -3.75 -12.22
C GLY B 279 -1.62 -3.65 -11.74
N GLY B 280 -1.82 -3.27 -10.48
CA GLY B 280 -3.17 -3.05 -9.99
C GLY B 280 -3.87 -1.93 -10.71
N LEU B 281 -3.14 -0.87 -11.06
CA LEU B 281 -3.72 0.25 -11.79
C LEU B 281 -4.21 -0.18 -13.16
N LEU B 282 -3.37 -0.91 -13.90
CA LEU B 282 -3.77 -1.39 -15.22
C LEU B 282 -4.98 -2.31 -15.13
N MET B 283 -4.98 -3.21 -14.14
CA MET B 283 -6.08 -4.14 -13.97
C MET B 283 -7.38 -3.41 -13.67
N GLY B 284 -7.33 -2.41 -12.78
CA GLY B 284 -8.53 -1.64 -12.50
C GLY B 284 -9.07 -0.94 -13.72
N ILE B 285 -8.19 -0.30 -14.49
CA ILE B 285 -8.63 0.33 -15.72
C ILE B 285 -9.10 -0.71 -16.72
N GLY B 286 -8.39 -1.83 -16.83
CA GLY B 286 -8.80 -2.87 -17.76
C GLY B 286 -10.09 -3.55 -17.35
N ALA B 287 -10.21 -3.92 -16.07
CA ALA B 287 -11.38 -4.67 -15.62
C ALA B 287 -12.65 -3.84 -15.73
N VAL B 288 -12.58 -2.55 -15.37
CA VAL B 288 -13.73 -1.68 -15.53
C VAL B 288 -14.06 -1.48 -17.01
N THR B 289 -13.03 -1.34 -17.85
CA THR B 289 -13.27 -1.25 -19.29
C THR B 289 -13.80 -2.57 -19.83
N ALA B 290 -13.18 -3.69 -19.45
CA ALA B 290 -13.60 -5.00 -19.94
C ALA B 290 -14.92 -5.44 -19.33
N GLY B 291 -15.39 -4.78 -18.28
CA GLY B 291 -16.65 -5.17 -17.68
C GLY B 291 -16.60 -6.48 -16.94
N GLY B 292 -15.40 -6.91 -16.53
CA GLY B 292 -15.24 -8.19 -15.86
C GLY B 292 -13.78 -8.63 -15.88
N CYS B 293 -13.34 -9.33 -14.83
CA CYS B 293 -11.93 -9.67 -14.75
C CYS B 293 -11.70 -11.13 -15.14
N ASN B 294 -10.67 -11.73 -14.54
CA ASN B 294 -10.43 -13.16 -14.71
C ASN B 294 -11.57 -14.00 -14.18
N ILE B 295 -12.37 -13.45 -13.27
CA ILE B 295 -13.51 -14.15 -12.71
C ILE B 295 -14.83 -13.63 -13.27
N GLY B 296 -14.96 -12.32 -13.39
CA GLY B 296 -16.20 -11.73 -13.85
C GLY B 296 -16.58 -12.10 -15.27
N HIS B 297 -15.58 -12.29 -16.14
CA HIS B 297 -15.84 -12.64 -17.53
C HIS B 297 -15.44 -14.06 -17.90
N PHE B 298 -14.34 -14.57 -17.34
CA PHE B 298 -13.82 -15.88 -17.77
C PHE B 298 -14.48 -17.01 -16.98
N LEU B 299 -14.23 -17.06 -15.67
CA LEU B 299 -14.78 -18.15 -14.87
C LEU B 299 -16.30 -18.13 -14.85
N THR B 300 -16.88 -16.94 -14.74
CA THR B 300 -18.33 -16.83 -14.60
C THR B 300 -19.04 -16.62 -15.92
N GLY B 301 -18.45 -15.85 -16.84
CA GLY B 301 -19.12 -15.49 -18.07
C GLY B 301 -18.99 -16.52 -19.18
N VAL B 302 -17.82 -17.14 -19.29
CA VAL B 302 -17.60 -18.12 -20.36
C VAL B 302 -18.59 -19.30 -20.27
N PRO B 303 -18.80 -19.93 -19.12
CA PRO B 303 -19.83 -21.00 -19.07
C PRO B 303 -21.22 -20.49 -19.34
N GLN B 304 -21.48 -19.20 -19.16
CA GLN B 304 -22.78 -18.63 -19.52
C GLN B 304 -22.96 -18.53 -21.03
N LEU B 305 -21.91 -18.79 -21.81
CA LEU B 305 -21.98 -18.81 -23.27
C LEU B 305 -22.23 -17.42 -23.85
N ALA B 306 -21.74 -16.38 -23.19
CA ALA B 306 -22.01 -15.01 -23.60
C ALA B 306 -20.92 -14.52 -24.55
N LEU B 307 -21.33 -13.84 -25.62
CA LEU B 307 -20.37 -13.37 -26.62
C LEU B 307 -19.35 -12.42 -26.01
N SER B 308 -19.81 -11.49 -25.16
CA SER B 308 -18.92 -10.49 -24.60
C SER B 308 -17.86 -11.13 -23.72
N SER B 309 -18.23 -12.16 -22.96
CA SER B 309 -17.27 -12.80 -22.07
C SER B 309 -16.22 -13.58 -22.85
N TRP B 310 -16.61 -14.24 -23.94
CA TRP B 310 -15.62 -14.92 -24.78
C TRP B 310 -14.63 -13.93 -25.39
N LEU B 311 -15.15 -12.82 -25.94
CA LEU B 311 -14.29 -11.87 -26.64
C LEU B 311 -13.25 -11.25 -25.70
N ALA B 312 -13.67 -10.87 -24.48
CA ALA B 312 -12.72 -10.34 -23.52
C ALA B 312 -11.75 -11.42 -23.03
N SER B 313 -12.21 -12.66 -22.93
CA SER B 313 -11.35 -13.76 -22.51
C SER B 313 -10.31 -14.10 -23.57
N ILE B 314 -10.56 -13.77 -24.84
CA ILE B 314 -9.54 -13.94 -25.86
C ILE B 314 -8.35 -13.02 -25.58
N PHE B 315 -8.63 -11.73 -25.34
CA PHE B 315 -7.57 -10.74 -25.23
C PHE B 315 -6.92 -10.72 -23.86
N PHE B 316 -7.57 -11.28 -22.83
CA PHE B 316 -6.88 -11.50 -21.56
C PHE B 316 -5.58 -12.24 -21.77
N ILE B 317 -5.59 -13.21 -22.68
CA ILE B 317 -4.41 -14.02 -22.94
C ILE B 317 -3.43 -13.31 -23.86
N LEU B 318 -3.94 -12.50 -24.80
CA LEU B 318 -3.04 -11.76 -25.70
C LEU B 318 -2.23 -10.73 -24.94
N GLY B 319 -2.89 -9.92 -24.11
CA GLY B 319 -2.16 -9.00 -23.26
C GLY B 319 -1.28 -9.70 -22.25
N ASN B 320 -1.74 -10.85 -21.75
CA ASN B 320 -0.91 -11.66 -20.87
C ASN B 320 0.33 -12.16 -21.59
N TRP B 321 0.18 -12.55 -22.85
CA TRP B 321 1.33 -13.00 -23.63
C TRP B 321 2.22 -11.84 -24.03
N THR B 322 1.64 -10.65 -24.26
CA THR B 322 2.43 -9.49 -24.63
C THR B 322 3.34 -9.06 -23.49
N MET B 323 2.78 -8.85 -22.30
CA MET B 323 3.57 -8.43 -21.15
C MET B 323 4.52 -9.51 -20.68
N ALA B 324 4.23 -10.79 -20.97
CA ALA B 324 5.13 -11.86 -20.57
C ALA B 324 6.45 -11.78 -21.31
N TRP B 325 6.45 -11.33 -22.57
CA TRP B 325 7.69 -11.18 -23.31
C TRP B 325 8.51 -10.00 -22.80
N ILE B 326 7.83 -8.90 -22.46
CA ILE B 326 8.53 -7.72 -21.95
C ILE B 326 9.29 -8.06 -20.67
N LEU B 327 8.68 -8.88 -19.82
CA LEU B 327 9.20 -9.16 -18.48
C LEU B 327 10.07 -10.40 -18.44
N PHE B 328 9.66 -11.47 -19.13
CA PHE B 328 10.40 -12.74 -19.17
C PHE B 328 10.77 -13.02 -20.63
N ARG B 329 11.81 -12.34 -21.11
CA ARG B 329 12.31 -12.56 -22.47
C ARG B 329 13.40 -13.62 -22.48
N ALA B 372 20.70 -33.70 6.27
CA ALA B 372 20.88 -34.44 5.02
C ALA B 372 22.35 -34.44 4.59
N ASN B 373 22.87 -35.63 4.27
CA ASN B 373 24.23 -35.78 3.76
C ASN B 373 24.15 -35.96 2.25
N TYR B 374 24.53 -34.90 1.51
CA TYR B 374 24.46 -34.96 0.05
C TYR B 374 25.58 -34.17 -0.62
N GLN B 375 26.67 -33.86 0.09
CA GLN B 375 27.85 -33.21 -0.45
C GLN B 375 27.57 -31.82 -1.02
N VAL B 376 26.73 -31.74 -2.05
CA VAL B 376 26.39 -30.51 -2.77
C VAL B 376 27.60 -30.03 -3.55
N SER B 377 27.50 -30.06 -4.88
CA SER B 377 28.53 -29.51 -5.76
C SER B 377 28.27 -28.04 -6.12
N LYS B 378 27.01 -27.65 -6.19
CA LYS B 378 26.63 -26.26 -6.46
C LYS B 378 25.28 -26.00 -5.81
N GLU B 379 25.14 -24.83 -5.20
CA GLU B 379 23.93 -24.45 -4.48
C GLU B 379 23.22 -23.30 -5.19
N ILE B 380 21.90 -23.34 -5.19
CA ILE B 380 21.07 -22.30 -5.80
C ILE B 380 20.05 -21.85 -4.77
N ASP B 381 20.03 -20.55 -4.47
CA ASP B 381 19.16 -19.97 -3.46
C ASP B 381 18.15 -19.05 -4.15
N VAL B 382 16.88 -19.41 -4.09
CA VAL B 382 15.82 -18.64 -4.73
C VAL B 382 14.72 -18.38 -3.71
N ARG B 383 15.10 -18.23 -2.44
CA ARG B 383 14.14 -18.01 -1.37
C ARG B 383 13.71 -16.55 -1.35
N GLY B 384 12.41 -16.31 -1.50
CA GLY B 384 11.87 -14.97 -1.53
C GLY B 384 11.50 -14.44 -2.90
N GLU B 385 11.79 -15.20 -3.95
CA GLU B 385 11.46 -14.80 -5.31
C GLU B 385 10.18 -15.50 -5.76
N VAL B 386 9.40 -14.80 -6.60
CA VAL B 386 8.08 -15.28 -6.98
C VAL B 386 8.17 -16.62 -7.73
N CYS B 387 7.08 -17.38 -7.69
CA CYS B 387 7.12 -18.81 -8.02
C CYS B 387 7.73 -19.17 -9.37
N PRO B 388 7.57 -18.40 -10.47
CA PRO B 388 8.25 -18.78 -11.70
C PRO B 388 9.76 -18.87 -11.57
N ILE B 389 10.36 -18.00 -10.76
CA ILE B 389 11.81 -17.87 -10.65
C ILE B 389 12.47 -19.13 -10.08
N PRO B 390 11.99 -19.71 -8.96
CA PRO B 390 12.62 -20.98 -8.50
C PRO B 390 12.58 -22.08 -9.52
N ASP B 391 11.48 -22.21 -10.28
CA ASP B 391 11.38 -23.25 -11.28
C ASP B 391 12.35 -23.00 -12.44
N VAL B 392 12.44 -21.75 -12.90
CA VAL B 392 13.33 -21.43 -14.01
C VAL B 392 14.79 -21.52 -13.58
N GLU B 393 15.12 -20.98 -12.40
CA GLU B 393 16.51 -21.03 -11.94
C GLU B 393 16.95 -22.43 -11.55
N ALA B 394 16.00 -23.31 -11.22
CA ALA B 394 16.36 -24.72 -11.03
C ALA B 394 16.66 -25.39 -12.36
N LYS B 395 15.92 -25.03 -13.41
CA LYS B 395 16.20 -25.55 -14.74
C LYS B 395 17.54 -25.05 -15.27
N ARG B 396 17.92 -23.83 -14.92
CA ARG B 396 19.19 -23.27 -15.39
C ARG B 396 20.38 -23.98 -14.75
N ALA B 397 20.24 -24.44 -13.50
CA ALA B 397 21.35 -25.09 -12.82
C ALA B 397 21.64 -26.46 -13.41
N VAL B 398 20.59 -27.28 -13.63
CA VAL B 398 20.80 -28.64 -14.11
C VAL B 398 21.31 -28.64 -15.55
N GLN B 399 20.80 -27.74 -16.38
CA GLN B 399 21.27 -27.67 -17.77
C GLN B 399 22.75 -27.30 -17.85
N SER B 400 23.19 -26.35 -17.02
CA SER B 400 24.59 -25.98 -16.93
C SER B 400 25.34 -26.79 -15.89
N ALA B 401 24.97 -28.06 -15.69
CA ALA B 401 25.64 -28.97 -14.79
C ALA B 401 25.93 -30.28 -15.51
N ASN B 402 27.04 -30.92 -15.14
CA ASN B 402 27.49 -32.13 -15.79
C ASN B 402 27.00 -33.37 -15.03
N ASP B 403 27.36 -34.54 -15.56
CA ASP B 403 26.90 -35.80 -15.00
C ASP B 403 27.38 -35.98 -13.56
N GLY B 404 26.46 -36.40 -12.68
CA GLY B 404 26.80 -36.78 -11.33
C GLY B 404 26.79 -35.65 -10.32
N GLU B 405 26.62 -34.41 -10.74
CA GLU B 405 26.65 -33.29 -9.80
C GLU B 405 25.38 -33.27 -8.96
N ILE B 406 25.55 -33.09 -7.65
CA ILE B 406 24.43 -32.97 -6.73
C ILE B 406 24.06 -31.50 -6.62
N ILE B 407 22.82 -31.17 -6.91
CA ILE B 407 22.35 -29.79 -6.96
C ILE B 407 21.45 -29.55 -5.76
N LEU B 408 21.75 -28.50 -4.99
CA LEU B 408 20.93 -28.06 -3.87
C LEU B 408 20.14 -26.83 -4.29
N VAL B 409 18.83 -26.89 -4.14
CA VAL B 409 17.94 -25.77 -4.42
C VAL B 409 17.16 -25.46 -3.15
N ARG B 410 17.33 -24.24 -2.65
CA ARG B 410 16.63 -23.79 -1.46
C ARG B 410 15.47 -22.89 -1.87
N ILE B 411 14.26 -23.23 -1.44
CA ILE B 411 13.06 -22.49 -1.81
C ILE B 411 12.24 -22.23 -0.55
N ASP B 412 11.41 -21.18 -0.60
CA ASP B 412 10.55 -20.80 0.51
C ASP B 412 9.11 -20.60 0.08
N TYR B 413 8.71 -21.12 -1.07
CA TYR B 413 7.34 -21.07 -1.54
C TYR B 413 6.84 -22.48 -1.82
N PRO B 414 5.69 -22.88 -1.28
CA PRO B 414 5.25 -24.28 -1.43
C PRO B 414 5.05 -24.73 -2.87
N LEU B 415 4.59 -23.85 -3.76
CA LEU B 415 4.28 -24.27 -5.12
C LEU B 415 5.53 -24.76 -5.85
N SER B 416 6.65 -24.07 -5.66
CA SER B 416 7.88 -24.46 -6.35
C SER B 416 8.34 -25.86 -5.94
N LYS B 417 8.10 -26.25 -4.68
CA LYS B 417 8.44 -27.61 -4.27
C LYS B 417 7.57 -28.65 -4.95
N GLU B 418 6.50 -28.24 -5.63
CA GLU B 418 5.67 -29.11 -6.44
C GLU B 418 6.02 -29.04 -7.92
N ARG B 419 6.36 -27.86 -8.44
CA ARG B 419 6.60 -27.74 -9.87
C ARG B 419 8.02 -28.14 -10.27
N ILE B 420 8.99 -27.96 -9.39
CA ILE B 420 10.39 -28.32 -9.66
C ILE B 420 10.59 -29.82 -9.88
N PRO B 421 10.04 -30.71 -9.04
CA PRO B 421 10.32 -32.14 -9.25
C PRO B 421 9.91 -32.66 -10.61
N GLU B 422 8.83 -32.14 -11.20
CA GLU B 422 8.44 -32.56 -12.54
C GLU B 422 9.36 -31.96 -13.61
N THR B 423 9.86 -30.74 -13.38
CA THR B 423 10.77 -30.09 -14.32
C THR B 423 12.18 -30.65 -14.26
N VAL B 424 12.49 -31.46 -13.24
CA VAL B 424 13.79 -32.12 -13.13
C VAL B 424 13.78 -33.49 -13.80
N LYS B 425 12.71 -34.28 -13.60
CA LYS B 425 12.59 -35.56 -14.29
C LYS B 425 12.42 -35.36 -15.80
N LYS B 426 11.84 -34.23 -16.21
CA LYS B 426 11.73 -33.93 -17.63
C LYS B 426 13.09 -33.72 -18.27
N LEU B 427 14.08 -33.27 -17.50
CA LEU B 427 15.45 -33.05 -18.00
C LEU B 427 16.37 -34.22 -17.68
N GLY B 428 15.81 -35.42 -17.51
CA GLY B 428 16.58 -36.63 -17.31
C GLY B 428 17.04 -36.88 -15.89
N SER B 429 17.13 -35.83 -15.07
CA SER B 429 17.70 -35.94 -13.74
C SER B 429 16.72 -36.59 -12.77
N GLU B 430 17.15 -36.73 -11.52
CA GLU B 430 16.35 -37.32 -10.46
C GLU B 430 16.46 -36.45 -9.22
N VAL B 431 15.34 -36.27 -8.51
CA VAL B 431 15.34 -35.57 -7.23
C VAL B 431 15.63 -36.60 -6.14
N LEU B 432 16.57 -36.26 -5.25
CA LEU B 432 16.98 -37.20 -4.21
C LEU B 432 16.05 -37.13 -3.01
N GLU B 433 15.87 -35.94 -2.43
CA GLU B 433 15.07 -35.77 -1.24
C GLU B 433 14.56 -34.34 -1.18
N ILE B 434 13.32 -34.17 -0.73
CA ILE B 434 12.78 -32.85 -0.39
C ILE B 434 12.91 -32.70 1.13
N GLU B 435 13.67 -31.68 1.54
CA GLU B 435 14.04 -31.51 2.93
C GLU B 435 13.23 -30.39 3.58
N GLU B 436 13.18 -30.44 4.91
CA GLU B 436 12.53 -29.40 5.72
C GLU B 436 13.60 -28.73 6.56
N ALA B 437 14.05 -27.57 6.12
CA ALA B 437 15.02 -26.79 6.89
C ALA B 437 14.30 -26.04 8.01
N ALA B 438 13.76 -24.88 7.71
CA ALA B 438 12.93 -24.09 8.60
C ALA B 438 11.46 -24.25 8.25
N PRO B 439 10.54 -23.98 9.19
CA PRO B 439 9.11 -24.00 8.86
C PRO B 439 8.79 -23.05 7.71
N GLY B 440 8.38 -23.61 6.58
CA GLY B 440 8.15 -22.82 5.38
C GLY B 440 9.33 -22.74 4.44
N GLU B 441 10.40 -23.48 4.69
CA GLU B 441 11.59 -23.50 3.85
C GLU B 441 11.98 -24.95 3.56
N TRP B 442 12.30 -25.22 2.30
CA TRP B 442 12.60 -26.58 1.85
C TRP B 442 13.92 -26.64 1.11
N ASN B 443 14.64 -27.73 1.31
CA ASN B 443 15.86 -28.03 0.56
C ASN B 443 15.57 -29.10 -0.47
N ILE B 444 15.91 -28.83 -1.72
CA ILE B 444 15.67 -29.76 -2.82
C ILE B 444 17.02 -30.26 -3.32
N TYR B 445 17.25 -31.55 -3.19
CA TYR B 445 18.51 -32.18 -3.60
C TYR B 445 18.27 -32.95 -4.89
N ILE B 446 19.05 -32.66 -5.91
CA ILE B 446 18.84 -33.19 -7.26
C ILE B 446 20.09 -33.92 -7.70
N LYS B 447 19.92 -35.14 -8.20
CA LYS B 447 20.99 -35.91 -8.84
C LYS B 447 20.77 -35.82 -10.35
N VAL B 448 21.69 -35.15 -11.04
CA VAL B 448 21.54 -34.86 -12.46
C VAL B 448 22.15 -35.99 -13.28
N LYS B 449 21.52 -36.29 -14.42
CA LYS B 449 21.92 -37.39 -15.28
C LYS B 449 22.44 -36.82 -16.60
N LYS B 450 23.64 -37.26 -16.99
CA LYS B 450 24.42 -36.65 -18.08
C LYS B 450 24.38 -35.13 -17.99
#